data_9EYI
#
_entry.id   9EYI
#
_cell.length_a   1.00
_cell.length_b   1.00
_cell.length_c   1.00
_cell.angle_alpha   90.00
_cell.angle_beta   90.00
_cell.angle_gamma   90.00
#
_symmetry.space_group_name_H-M   'P 1'
#
loop_
_entity.id
_entity.type
_entity.pdbx_description
1 polymer 'SMODS-associated and fused to various effectors domain-containing protein'
2 polymer "A4p (5'-R(*AP*AP*AP*AP)-3')"
#
loop_
_entity_poly.entity_id
_entity_poly.type
_entity_poly.pdbx_seq_one_letter_code
_entity_poly.pdbx_strand_id
1 'polypeptide(L)'
;MGGSHHHHHHGMASWSHPQFEKGGHHHHHHGGSGENLYFQGGSGPKFNETADKYLKSGSAEAELIILQYIQQDRVSEDDE
EWVYNLLEKANNPYIKLNALLWLSAKRKYLTQLSKLWGISENELKSLSQQQPKIGLFPAVDSRKNAFLAKVFVYKLKSEE
PIALAILGDKIENFSYLAQLGKQNCLIGFNKNIQGNSWQLAVLATLLVKDEKIISKIAYSGIVLPSGEIITAEEIEYKKR
CCQNLVHRIKKIEQLDAWLNTETIPLPVIQYQGEENELKRWQKAMEQKVQEKFSWFSYELLEDFYGITNSDLAIFGNGIL
PFEANAWQKLLQEQVKDKFKLLEDKVMPKKVLWFYAGQISTLQLGIGALFGFKRAVSILQMEFSNTTYHEVFILYGKENA
RQLKNVSVKKEDYQYIQSELLINEPHKNELGFIIYLGSHNPIGEAKAYCQKQLQINNFLIIQARENQGVMETSQNWLPYL
QEINSALNTARQEYHWERIHLFQTAPTALCMALGIAVGHFLPVDVYHYQFNAEEPKYRCVFSLDKMLNL
;
A,B,C
2 'polyribonucleotide' AAA(A3P) D,E
#
loop_
_chem_comp.id
_chem_comp.type
_chem_comp.name
_chem_comp.formula
A RNA linking ADENOSINE-5'-MONOPHOSPHATE 'C10 H14 N5 O7 P'
A3P RNA linking ADENOSINE-3'-5'-DIPHOSPHATE 'C10 H15 N5 O10 P2'
#
# COMPACT_ATOMS: atom_id res chain seq x y z
N PHE A 47 -42.73 -0.50 -38.45
CA PHE A 47 -44.11 -0.07 -38.63
C PHE A 47 -44.19 1.44 -38.86
N ASN A 48 -44.65 1.83 -40.06
CA ASN A 48 -44.79 3.24 -40.38
C ASN A 48 -45.80 3.92 -39.47
N GLU A 49 -46.92 3.24 -39.18
CA GLU A 49 -47.96 3.84 -38.35
C GLU A 49 -47.45 4.11 -36.94
N THR A 50 -46.70 3.17 -36.36
CA THR A 50 -46.15 3.36 -35.02
C THR A 50 -45.15 4.51 -34.99
N ALA A 51 -44.29 4.60 -36.01
CA ALA A 51 -43.34 5.70 -36.08
C ALA A 51 -44.06 7.04 -36.20
N ASP A 52 -45.10 7.10 -37.03
CA ASP A 52 -45.87 8.34 -37.16
C ASP A 52 -46.55 8.71 -35.85
N LYS A 53 -47.09 7.71 -35.14
CA LYS A 53 -47.71 7.97 -33.85
C LYS A 53 -46.69 8.50 -32.85
N TYR A 54 -45.48 7.95 -32.86
CA TYR A 54 -44.42 8.47 -32.00
C TYR A 54 -44.08 9.90 -32.36
N LEU A 55 -44.02 10.21 -33.66
CA LEU A 55 -43.75 11.58 -34.09
C LEU A 55 -44.87 12.51 -33.64
N LYS A 56 -46.12 12.08 -33.74
CA LYS A 56 -47.25 12.89 -33.34
C LYS A 56 -47.69 12.54 -31.92
N GLU A 61 -44.53 3.49 -25.12
CA GLU A 61 -45.30 2.38 -25.67
C GLU A 61 -45.02 2.21 -27.16
N ALA A 62 -45.13 3.31 -27.90
CA ALA A 62 -44.86 3.27 -29.34
C ALA A 62 -43.40 2.92 -29.61
N GLU A 63 -42.47 3.48 -28.83
CA GLU A 63 -41.06 3.20 -29.02
C GLU A 63 -40.72 1.74 -28.75
N LEU A 64 -41.43 1.11 -27.80
CA LEU A 64 -41.17 -0.30 -27.51
C LEU A 64 -41.62 -1.18 -28.67
N ILE A 65 -42.72 -0.82 -29.33
CA ILE A 65 -43.23 -1.65 -30.42
C ILE A 65 -42.25 -1.67 -31.59
N ILE A 66 -41.76 -0.50 -31.98
CA ILE A 66 -40.83 -0.43 -33.11
C ILE A 66 -39.50 -1.06 -32.76
N LEU A 67 -39.04 -0.88 -31.51
CA LEU A 67 -37.78 -1.47 -31.08
C LEU A 67 -37.85 -2.99 -31.14
N GLN A 68 -38.96 -3.57 -30.68
CA GLN A 68 -39.14 -5.01 -30.80
C GLN A 68 -39.30 -5.44 -32.26
N TYR A 69 -40.02 -4.64 -33.05
CA TYR A 69 -40.21 -4.96 -34.46
C TYR A 69 -38.89 -4.94 -35.22
N ILE A 70 -38.04 -3.95 -34.95
CA ILE A 70 -36.77 -3.85 -35.66
C ILE A 70 -35.73 -4.82 -35.10
N GLN A 71 -35.89 -5.28 -33.86
CA GLN A 71 -34.93 -6.24 -33.31
C GLN A 71 -34.97 -7.56 -34.06
N GLN A 72 -36.15 -7.99 -34.50
CA GLN A 72 -36.30 -9.20 -35.30
C GLN A 72 -36.22 -8.94 -36.79
N ASP A 73 -35.97 -7.69 -37.20
CA ASP A 73 -35.85 -7.32 -38.61
C ASP A 73 -37.09 -7.69 -39.40
N ARG A 74 -38.26 -7.33 -38.85
CA ARG A 74 -39.54 -7.60 -39.50
C ARG A 74 -39.99 -6.47 -40.43
N VAL A 75 -39.21 -5.40 -40.54
CA VAL A 75 -39.59 -4.25 -41.37
C VAL A 75 -39.23 -4.53 -42.82
N SER A 76 -39.76 -3.72 -43.73
CA SER A 76 -39.48 -3.82 -45.16
C SER A 76 -38.64 -2.64 -45.61
N GLU A 77 -38.10 -2.75 -46.82
CA GLU A 77 -37.25 -1.71 -47.38
C GLU A 77 -38.04 -0.54 -47.94
N ASP A 78 -39.34 -0.70 -48.16
CA ASP A 78 -40.15 0.40 -48.71
C ASP A 78 -40.17 1.59 -47.75
N ASP A 79 -40.35 1.33 -46.46
CA ASP A 79 -40.34 2.38 -45.45
C ASP A 79 -38.97 2.59 -44.84
N GLU A 80 -37.93 1.90 -45.33
CA GLU A 80 -36.61 2.04 -44.75
C GLU A 80 -36.12 3.47 -44.82
N GLU A 81 -36.33 4.13 -45.96
CA GLU A 81 -35.99 5.56 -46.06
C GLU A 81 -36.76 6.36 -45.00
N TRP A 82 -38.05 6.05 -44.82
CA TRP A 82 -38.79 6.66 -43.73
C TRP A 82 -38.17 6.30 -42.38
N VAL A 83 -37.73 5.05 -42.24
CA VAL A 83 -36.98 4.66 -41.05
C VAL A 83 -35.71 5.50 -40.93
N TYR A 84 -35.08 5.81 -42.06
CA TYR A 84 -33.96 6.74 -42.04
C TYR A 84 -34.37 8.08 -41.46
N ASN A 85 -35.55 8.58 -41.85
CA ASN A 85 -36.07 9.80 -41.24
C ASN A 85 -36.21 9.63 -39.73
N LEU A 86 -36.61 8.43 -39.28
CA LEU A 86 -36.67 8.16 -37.85
C LEU A 86 -35.30 8.34 -37.21
N LEU A 87 -34.25 7.87 -37.88
CA LEU A 87 -32.89 8.04 -37.36
C LEU A 87 -32.52 9.51 -37.22
N GLU A 88 -33.22 10.40 -37.94
CA GLU A 88 -33.00 11.83 -37.81
C GLU A 88 -34.13 12.54 -37.07
N LYS A 89 -35.18 11.82 -36.66
CA LYS A 89 -36.33 12.43 -36.02
C LYS A 89 -36.79 11.61 -34.82
N ALA A 90 -35.83 11.16 -33.99
CA ALA A 90 -36.15 10.38 -32.80
C ALA A 90 -35.40 10.96 -31.62
N ASN A 91 -36.12 11.31 -30.56
CA ASN A 91 -35.50 11.82 -29.35
C ASN A 91 -34.86 10.73 -28.52
N ASN A 92 -35.18 9.46 -28.79
CA ASN A 92 -34.54 8.36 -28.09
C ASN A 92 -33.37 7.85 -28.91
N PRO A 93 -32.14 7.91 -28.39
CA PRO A 93 -30.98 7.48 -29.19
C PRO A 93 -31.01 6.00 -29.55
N TYR A 94 -31.70 5.17 -28.78
CA TYR A 94 -31.74 3.74 -29.10
C TYR A 94 -32.41 3.49 -30.45
N ILE A 95 -33.52 4.18 -30.71
CA ILE A 95 -34.21 4.01 -31.99
C ILE A 95 -33.30 4.44 -33.14
N LYS A 96 -32.61 5.56 -32.98
CA LYS A 96 -31.72 6.04 -34.04
C LYS A 96 -30.57 5.06 -34.28
N LEU A 97 -29.98 4.53 -33.20
CA LEU A 97 -28.89 3.57 -33.36
C LEU A 97 -29.37 2.30 -34.03
N ASN A 98 -30.56 1.82 -33.64
CA ASN A 98 -31.12 0.62 -34.28
C ASN A 98 -31.40 0.86 -35.75
N ALA A 99 -31.93 2.04 -36.09
CA ALA A 99 -32.16 2.37 -37.50
C ALA A 99 -30.86 2.42 -38.28
N LEU A 100 -29.81 3.00 -37.68
CA LEU A 100 -28.51 3.06 -38.34
C LEU A 100 -27.96 1.66 -38.58
N LEU A 101 -28.08 0.78 -37.58
CA LEU A 101 -27.60 -0.59 -37.75
C LEU A 101 -28.40 -1.33 -38.82
N TRP A 102 -29.71 -1.14 -38.83
CA TRP A 102 -30.55 -1.79 -39.85
C TRP A 102 -30.19 -1.29 -41.25
N LEU A 103 -29.96 0.01 -41.39
CA LEU A 103 -29.56 0.55 -42.69
C LEU A 103 -28.21 0.02 -43.12
N SER A 104 -27.25 -0.09 -42.18
CA SER A 104 -25.95 -0.64 -42.51
C SER A 104 -26.06 -2.10 -42.94
N ALA A 105 -26.90 -2.88 -42.23
CA ALA A 105 -27.08 -4.29 -42.60
C ALA A 105 -27.74 -4.43 -43.96
N LYS A 106 -28.80 -3.66 -44.22
CA LYS A 106 -29.52 -3.76 -45.48
C LYS A 106 -28.84 -2.99 -46.61
N ARG A 107 -27.87 -2.14 -46.31
CA ARG A 107 -27.15 -1.36 -47.31
C ARG A 107 -28.09 -0.54 -48.17
N LYS A 108 -29.09 0.06 -47.53
CA LYS A 108 -30.10 0.87 -48.21
C LYS A 108 -29.96 2.32 -47.78
N TYR A 109 -29.79 3.21 -48.77
CA TYR A 109 -29.69 4.65 -48.55
C TYR A 109 -28.55 5.04 -47.61
N LEU A 110 -27.59 4.14 -47.41
CA LEU A 110 -26.47 4.42 -46.53
C LEU A 110 -25.46 5.39 -47.14
N THR A 111 -25.44 5.52 -48.47
CA THR A 111 -24.49 6.41 -49.11
C THR A 111 -24.74 7.86 -48.74
N GLN A 112 -26.03 8.26 -48.69
CA GLN A 112 -26.35 9.63 -48.31
C GLN A 112 -25.91 9.92 -46.88
N LEU A 113 -26.16 8.99 -45.96
CA LEU A 113 -25.73 9.17 -44.57
C LEU A 113 -24.21 9.23 -44.48
N SER A 114 -23.51 8.39 -45.24
CA SER A 114 -22.05 8.42 -45.24
C SER A 114 -21.52 9.75 -45.74
N LYS A 115 -22.12 10.28 -46.81
CA LYS A 115 -21.71 11.57 -47.34
C LYS A 115 -21.99 12.69 -46.35
N LEU A 116 -23.16 12.66 -45.70
CA LEU A 116 -23.53 13.73 -44.77
C LEU A 116 -22.72 13.68 -43.48
N TRP A 117 -22.26 12.50 -43.06
CA TRP A 117 -21.55 12.35 -41.80
C TRP A 117 -20.03 12.26 -41.98
N GLY A 118 -19.55 12.25 -43.22
CA GLY A 118 -18.12 12.14 -43.44
C GLY A 118 -17.52 10.85 -42.97
N ILE A 119 -18.24 9.73 -43.17
CA ILE A 119 -17.78 8.41 -42.77
C ILE A 119 -17.70 7.54 -44.01
N SER A 120 -16.60 6.80 -44.14
CA SER A 120 -16.41 5.94 -45.31
C SER A 120 -17.48 4.85 -45.34
N GLU A 121 -17.87 4.48 -46.55
CA GLU A 121 -18.87 3.41 -46.71
C GLU A 121 -18.36 2.08 -46.17
N ASN A 122 -17.04 1.85 -46.24
CA ASN A 122 -16.48 0.62 -45.70
C ASN A 122 -16.68 0.55 -44.19
N GLU A 123 -16.44 1.65 -43.48
CA GLU A 123 -16.65 1.66 -42.04
C GLU A 123 -18.12 1.47 -41.69
N LEU A 124 -19.02 2.10 -42.44
CA LEU A 124 -20.45 1.94 -42.19
C LEU A 124 -20.87 0.49 -42.41
N LYS A 125 -20.35 -0.15 -43.46
CA LYS A 125 -20.66 -1.56 -43.70
C LYS A 125 -20.10 -2.43 -42.59
N SER A 126 -18.88 -2.13 -42.13
CA SER A 126 -18.27 -2.92 -41.06
C SER A 126 -19.02 -2.75 -39.74
N LEU A 127 -19.69 -1.61 -39.55
CA LEU A 127 -20.45 -1.41 -38.33
C LEU A 127 -21.59 -2.40 -38.19
N SER A 128 -22.10 -2.91 -39.32
CA SER A 128 -23.19 -3.88 -39.27
C SER A 128 -22.77 -5.16 -38.56
N GLN A 129 -21.58 -5.66 -38.87
CA GLN A 129 -21.07 -6.90 -38.28
C GLN A 129 -20.10 -6.67 -37.13
N GLN A 130 -19.86 -5.41 -36.75
CA GLN A 130 -18.95 -5.13 -35.66
C GLN A 130 -19.54 -5.58 -34.33
N GLN A 131 -18.66 -5.90 -33.38
CA GLN A 131 -19.09 -6.27 -32.04
C GLN A 131 -19.00 -5.04 -31.16
N PRO A 132 -20.12 -4.45 -30.73
CA PRO A 132 -20.08 -3.19 -29.97
C PRO A 132 -19.66 -3.42 -28.53
N LYS A 133 -18.58 -2.78 -28.10
CA LYS A 133 -18.22 -2.79 -26.70
C LYS A 133 -19.22 -1.97 -25.89
N ILE A 134 -19.38 -2.34 -24.62
CA ILE A 134 -20.40 -1.76 -23.75
C ILE A 134 -19.72 -1.02 -22.61
N GLY A 135 -20.08 0.25 -22.44
CA GLY A 135 -19.70 1.00 -21.26
C GLY A 135 -20.93 1.32 -20.44
N LEU A 136 -20.78 1.60 -19.15
CA LEU A 136 -21.91 1.89 -18.28
C LEU A 136 -21.76 3.25 -17.63
N PHE A 137 -22.83 4.04 -17.67
CA PHE A 137 -22.83 5.36 -17.03
C PHE A 137 -24.17 5.62 -16.39
N PRO A 138 -24.19 6.27 -15.21
CA PRO A 138 -25.46 6.53 -14.54
C PRO A 138 -26.28 7.57 -15.27
N ALA A 139 -27.60 7.47 -15.10
CA ALA A 139 -28.55 8.39 -15.69
C ALA A 139 -29.38 9.04 -14.59
N VAL A 140 -30.37 9.83 -15.01
CA VAL A 140 -31.24 10.53 -14.06
C VAL A 140 -32.20 9.54 -13.41
N PHE A 147 -31.34 5.16 -13.84
CA PHE A 147 -30.54 3.95 -13.62
C PHE A 147 -29.19 4.06 -14.31
N LEU A 148 -28.55 2.92 -14.55
CA LEU A 148 -27.26 2.86 -15.22
C LEU A 148 -27.49 2.46 -16.67
N ALA A 149 -27.34 3.41 -17.57
CA ALA A 149 -27.50 3.16 -18.99
C ALA A 149 -26.17 2.71 -19.61
N LYS A 150 -26.25 2.26 -20.85
CA LYS A 150 -25.11 1.70 -21.55
C LYS A 150 -24.76 2.55 -22.77
N VAL A 151 -23.47 2.56 -23.08
CA VAL A 151 -22.93 3.19 -24.29
C VAL A 151 -22.40 2.08 -25.19
N PHE A 152 -22.75 2.15 -26.47
CA PHE A 152 -22.38 1.13 -27.45
C PHE A 152 -21.27 1.70 -28.33
N VAL A 153 -20.19 0.94 -28.48
CA VAL A 153 -19.02 1.38 -29.24
C VAL A 153 -18.81 0.43 -30.40
N TYR A 154 -18.66 0.99 -31.60
CA TYR A 154 -18.40 0.22 -32.81
C TYR A 154 -17.07 0.66 -33.41
N LYS A 155 -16.31 -0.30 -33.93
CA LYS A 155 -15.05 0.01 -34.57
C LYS A 155 -15.28 0.74 -35.88
N LEU A 156 -14.34 1.63 -36.23
CA LEU A 156 -14.39 2.35 -37.49
C LEU A 156 -12.97 2.56 -37.99
N LYS A 157 -12.83 2.70 -39.30
CA LYS A 157 -11.52 2.85 -39.94
C LYS A 157 -11.50 4.07 -40.87
N SER A 158 -12.29 5.08 -40.55
CA SER A 158 -12.30 6.29 -41.36
C SER A 158 -10.97 7.03 -41.22
N GLU A 159 -10.47 7.56 -42.34
CA GLU A 159 -9.21 8.27 -42.32
C GLU A 159 -9.29 9.52 -41.43
N GLU A 160 -10.38 10.27 -41.57
CA GLU A 160 -10.60 11.40 -40.67
C GLU A 160 -11.14 10.90 -39.33
N PRO A 161 -10.81 11.58 -38.24
CA PRO A 161 -11.34 11.17 -36.92
C PRO A 161 -12.83 11.45 -36.80
N ILE A 162 -13.64 10.39 -36.71
CA ILE A 162 -15.09 10.51 -36.62
C ILE A 162 -15.54 9.63 -35.46
N ALA A 163 -15.64 10.21 -34.27
CA ALA A 163 -16.23 9.54 -33.12
C ALA A 163 -17.69 9.94 -33.00
N LEU A 164 -18.47 9.53 -34.01
CA LEU A 164 -19.86 9.95 -34.13
C LEU A 164 -20.67 9.46 -32.93
N ALA A 165 -21.42 10.37 -32.33
CA ALA A 165 -22.31 10.06 -31.21
C ALA A 165 -23.75 10.22 -31.67
N ILE A 166 -24.52 9.13 -31.61
CA ILE A 166 -25.92 9.16 -32.06
C ILE A 166 -26.74 9.57 -30.84
N LEU A 167 -26.83 10.87 -30.63
CA LEU A 167 -27.58 11.43 -29.52
C LEU A 167 -29.06 11.56 -29.86
N GLY A 168 -29.88 11.70 -28.81
CA GLY A 168 -31.32 11.86 -29.03
C GLY A 168 -31.67 13.15 -29.73
N ASP A 169 -31.04 14.25 -29.32
CA ASP A 169 -31.35 15.55 -29.92
C ASP A 169 -30.78 15.65 -31.34
N LYS A 170 -29.47 15.56 -31.47
CA LYS A 170 -28.81 15.63 -32.77
C LYS A 170 -27.51 14.84 -32.73
N ILE A 171 -27.07 14.39 -33.90
CA ILE A 171 -25.85 13.62 -34.00
C ILE A 171 -24.67 14.58 -34.09
N GLU A 172 -23.72 14.43 -33.16
CA GLU A 172 -22.56 15.32 -33.09
C GLU A 172 -21.28 14.48 -33.11
N ASN A 173 -20.29 14.95 -33.85
CA ASN A 173 -19.02 14.25 -34.00
C ASN A 173 -18.05 14.79 -32.95
N PHE A 174 -17.93 14.08 -31.83
CA PHE A 174 -16.96 14.43 -30.80
C PHE A 174 -15.60 13.89 -31.23
N SER A 175 -14.98 14.60 -32.17
CA SER A 175 -13.74 14.12 -32.79
C SER A 175 -12.64 13.93 -31.75
N TYR A 176 -12.58 14.80 -30.74
CA TYR A 176 -11.55 14.68 -29.73
C TYR A 176 -11.65 13.36 -28.95
N LEU A 177 -12.81 12.71 -28.97
CA LEU A 177 -12.91 11.37 -28.39
C LEU A 177 -12.03 10.38 -29.15
N ALA A 178 -12.05 10.45 -30.49
CA ALA A 178 -11.23 9.55 -31.29
C ALA A 178 -9.75 9.76 -31.02
N GLN A 179 -9.33 11.02 -30.88
CA GLN A 179 -7.92 11.31 -30.56
C GLN A 179 -7.52 10.65 -29.25
N LEU A 180 -8.32 10.82 -28.22
CA LEU A 180 -7.98 10.27 -26.91
C LEU A 180 -8.12 8.76 -26.89
N GLY A 181 -9.11 8.23 -27.60
CA GLY A 181 -9.31 6.79 -27.65
C GLY A 181 -8.49 6.07 -28.70
N LYS A 182 -7.79 6.80 -29.56
CA LYS A 182 -6.95 6.22 -30.61
C LYS A 182 -7.74 5.27 -31.51
N GLN A 183 -9.02 5.57 -31.73
CA GLN A 183 -9.86 4.75 -32.60
C GLN A 183 -11.11 5.53 -32.95
N ASN A 184 -11.53 5.43 -34.20
CA ASN A 184 -12.80 6.02 -34.63
C ASN A 184 -13.95 5.11 -34.24
N CYS A 185 -15.03 5.72 -33.75
CA CYS A 185 -16.12 4.97 -33.15
C CYS A 185 -17.46 5.47 -33.69
N LEU A 186 -18.51 4.67 -33.41
CA LEU A 186 -19.89 5.00 -33.73
C LEU A 186 -20.69 4.81 -32.44
N ILE A 187 -20.79 5.88 -31.65
CA ILE A 187 -21.38 5.78 -30.32
C ILE A 187 -22.87 5.56 -30.42
N GLY A 188 -23.37 4.57 -29.67
CA GLY A 188 -24.79 4.31 -29.56
C GLY A 188 -25.26 4.45 -28.13
N PHE A 189 -26.58 4.42 -27.94
CA PHE A 189 -27.17 4.59 -26.63
C PHE A 189 -28.46 3.78 -26.56
N ASN A 190 -29.09 3.81 -25.38
CA ASN A 190 -30.34 3.09 -25.16
C ASN A 190 -31.50 3.97 -24.70
N LYS A 191 -31.24 5.16 -24.20
CA LYS A 191 -32.31 6.04 -23.71
C LYS A 191 -31.86 7.48 -23.81
N ASN A 192 -32.83 8.39 -23.76
CA ASN A 192 -32.54 9.82 -23.84
C ASN A 192 -31.89 10.29 -22.55
N ILE A 193 -30.68 10.84 -22.66
CA ILE A 193 -29.91 11.30 -21.51
C ILE A 193 -29.64 12.78 -21.69
N GLN A 194 -30.05 13.59 -20.73
CA GLN A 194 -29.76 15.02 -20.74
C GLN A 194 -28.38 15.25 -20.14
N GLY A 195 -27.57 16.05 -20.82
CA GLY A 195 -26.20 16.26 -20.41
C GLY A 195 -25.28 15.17 -20.92
N ASN A 196 -24.16 15.56 -21.49
CA ASN A 196 -23.22 14.61 -22.11
C ASN A 196 -22.21 14.04 -21.12
N SER A 197 -22.71 13.55 -19.98
CA SER A 197 -21.86 12.91 -18.98
C SER A 197 -21.47 11.48 -19.35
N TRP A 198 -21.74 11.06 -20.58
CA TRP A 198 -21.45 9.71 -21.05
C TRP A 198 -20.03 9.57 -21.59
N GLN A 199 -19.22 10.62 -21.47
CA GLN A 199 -17.90 10.61 -22.09
C GLN A 199 -17.01 9.51 -21.53
N LEU A 200 -17.03 9.33 -20.20
CA LEU A 200 -16.04 8.48 -19.57
C LEU A 200 -16.23 7.01 -19.92
N ALA A 201 -17.48 6.57 -20.06
CA ALA A 201 -17.72 5.17 -20.45
C ALA A 201 -17.17 4.89 -21.84
N VAL A 202 -17.42 5.81 -22.79
CA VAL A 202 -16.88 5.65 -24.14
C VAL A 202 -15.37 5.66 -24.12
N LEU A 203 -14.78 6.57 -23.35
CA LEU A 203 -13.32 6.65 -23.27
C LEU A 203 -12.73 5.37 -22.68
N ALA A 204 -13.38 4.80 -21.66
CA ALA A 204 -12.89 3.58 -21.05
C ALA A 204 -13.01 2.39 -22.01
N THR A 205 -14.11 2.30 -22.74
CA THR A 205 -14.22 1.25 -23.75
C THR A 205 -13.22 1.43 -24.87
N LEU A 206 -12.81 2.68 -25.14
CA LEU A 206 -11.83 2.95 -26.17
C LEU A 206 -10.43 2.58 -25.72
N LEU A 207 -10.11 2.81 -24.44
CA LEU A 207 -8.76 2.62 -23.92
C LEU A 207 -8.52 1.24 -23.35
N VAL A 208 -9.23 0.22 -23.81
CA VAL A 208 -9.06 -1.13 -23.32
C VAL A 208 -8.21 -1.91 -24.31
N LYS A 209 -7.55 -2.95 -23.81
CA LYS A 209 -6.71 -3.80 -24.65
C LYS A 209 -7.25 -5.23 -24.68
N ILE A 214 -16.98 -6.39 -19.40
CA ILE A 214 -16.45 -5.21 -18.72
C ILE A 214 -17.57 -4.49 -17.98
N SER A 215 -18.60 -5.24 -17.61
CA SER A 215 -19.76 -4.68 -16.92
C SER A 215 -19.51 -4.46 -15.43
N LYS A 216 -18.34 -4.84 -14.92
CA LYS A 216 -18.08 -4.71 -13.49
C LYS A 216 -17.97 -3.25 -13.05
N ILE A 217 -17.58 -2.36 -13.95
CA ILE A 217 -17.25 -0.98 -13.60
C ILE A 217 -18.09 -0.03 -14.46
N ALA A 218 -18.62 1.01 -13.82
CA ALA A 218 -19.34 2.08 -14.49
C ALA A 218 -18.61 3.39 -14.31
N TYR A 219 -18.77 4.29 -15.28
CA TYR A 219 -18.03 5.54 -15.32
C TYR A 219 -19.00 6.70 -15.49
N SER A 220 -18.56 7.89 -15.06
CA SER A 220 -19.36 9.09 -15.20
C SER A 220 -18.43 10.29 -15.24
N GLY A 221 -18.67 11.18 -16.21
CA GLY A 221 -17.87 12.38 -16.34
C GLY A 221 -17.95 12.94 -17.74
N ILE A 222 -17.28 14.08 -17.90
CA ILE A 222 -17.16 14.76 -19.19
C ILE A 222 -15.69 14.97 -19.48
N VAL A 223 -15.26 14.63 -20.69
CA VAL A 223 -13.88 14.79 -21.09
C VAL A 223 -13.73 16.13 -21.80
N LEU A 224 -12.49 16.58 -21.93
CA LEU A 224 -12.13 17.81 -22.63
C LEU A 224 -11.09 17.47 -23.68
N PRO A 225 -10.93 18.33 -24.70
CA PRO A 225 -9.91 18.05 -25.72
C PRO A 225 -8.52 17.89 -25.15
N SER A 226 -8.22 18.56 -24.04
CA SER A 226 -6.95 18.36 -23.36
C SER A 226 -6.82 16.97 -22.76
N GLY A 227 -7.91 16.22 -22.65
CA GLY A 227 -7.90 14.91 -22.05
C GLY A 227 -8.37 14.87 -20.61
N GLU A 228 -8.58 16.03 -19.99
CA GLU A 228 -9.05 16.08 -18.62
C GLU A 228 -10.52 15.67 -18.54
N ILE A 229 -10.92 15.18 -17.38
CA ILE A 229 -12.28 14.70 -17.14
C ILE A 229 -12.90 15.54 -16.03
N ILE A 230 -14.12 16.03 -16.27
CA ILE A 230 -14.86 16.81 -15.29
C ILE A 230 -16.20 16.12 -15.07
N THR A 231 -16.59 15.98 -13.80
CA THR A 231 -17.85 15.34 -13.47
C THR A 231 -19.02 16.27 -13.76
N ALA A 232 -20.22 15.68 -13.80
CA ALA A 232 -21.44 16.41 -14.10
C ALA A 232 -22.23 16.68 -12.83
N GLU A 233 -23.40 17.28 -13.00
CA GLU A 233 -24.29 17.54 -11.88
C GLU A 233 -25.00 16.26 -11.46
N GLU A 234 -25.76 16.35 -10.37
CA GLU A 234 -26.48 15.21 -9.79
C GLU A 234 -25.53 14.06 -9.48
N ILE A 235 -24.34 14.41 -8.98
CA ILE A 235 -23.35 13.39 -8.64
C ILE A 235 -23.86 12.51 -7.51
N GLU A 236 -24.46 13.11 -6.48
CA GLU A 236 -25.00 12.33 -5.38
C GLU A 236 -26.15 11.44 -5.84
N TYR A 237 -27.03 11.98 -6.69
CA TYR A 237 -28.13 11.17 -7.23
C TYR A 237 -27.59 10.04 -8.11
N LYS A 238 -26.58 10.34 -8.94
CA LYS A 238 -25.99 9.30 -9.77
C LYS A 238 -25.29 8.24 -8.93
N LYS A 239 -24.56 8.68 -7.89
CA LYS A 239 -23.84 7.74 -7.04
C LYS A 239 -24.76 6.85 -6.21
N ARG A 240 -26.04 7.18 -6.12
CA ARG A 240 -26.99 6.37 -5.37
C ARG A 240 -27.29 5.06 -6.09
N ASN A 244 -19.90 -0.40 -8.26
CA ASN A 244 -18.82 0.57 -8.43
C ASN A 244 -19.15 1.58 -9.53
N LEU A 245 -19.01 2.85 -9.22
CA LEU A 245 -19.23 3.93 -10.17
C LEU A 245 -18.03 4.86 -10.13
N VAL A 246 -17.34 4.98 -11.26
CA VAL A 246 -16.12 5.78 -11.35
C VAL A 246 -16.49 7.20 -11.73
N HIS A 247 -16.32 8.13 -10.80
CA HIS A 247 -16.56 9.53 -11.07
C HIS A 247 -15.50 10.45 -10.48
N ARG A 248 -14.50 9.92 -9.78
CA ARG A 248 -13.46 10.73 -9.14
C ARG A 248 -12.16 10.68 -9.90
N ILE A 249 -12.20 10.66 -11.23
CA ILE A 249 -11.01 10.60 -12.05
C ILE A 249 -10.96 11.85 -12.93
N LYS A 250 -9.74 12.30 -13.21
CA LYS A 250 -9.56 13.60 -13.84
C LYS A 250 -8.65 13.56 -15.06
N LYS A 251 -7.69 12.63 -15.08
CA LYS A 251 -6.64 12.61 -16.09
C LYS A 251 -6.85 11.45 -17.07
N ILE A 252 -6.43 11.69 -18.32
CA ILE A 252 -6.46 10.64 -19.34
C ILE A 252 -5.49 9.52 -18.98
N GLU A 253 -4.30 9.89 -18.48
CA GLU A 253 -3.32 8.88 -18.11
C GLU A 253 -3.83 8.01 -16.97
N GLN A 254 -4.57 8.61 -16.03
CA GLN A 254 -5.10 7.84 -14.92
C GLN A 254 -6.02 6.73 -15.40
N LEU A 255 -6.98 7.06 -16.26
CA LEU A 255 -7.89 6.04 -16.76
C LEU A 255 -7.17 5.01 -17.62
N ASP A 256 -6.25 5.47 -18.48
CA ASP A 256 -5.53 4.53 -19.33
C ASP A 256 -4.74 3.52 -18.52
N ALA A 257 -4.05 3.99 -17.48
CA ALA A 257 -3.25 3.08 -16.66
C ALA A 257 -4.13 2.21 -15.78
N TRP A 258 -5.22 2.76 -15.24
CA TRP A 258 -6.11 1.96 -14.40
C TRP A 258 -6.77 0.85 -15.20
N LEU A 259 -6.98 1.07 -16.50
CA LEU A 259 -7.58 0.03 -17.32
C LEU A 259 -6.56 -0.95 -17.87
N ASN A 260 -5.38 -0.49 -18.27
CA ASN A 260 -4.43 -1.30 -19.01
C ASN A 260 -3.16 -1.61 -18.22
N THR A 261 -3.25 -1.66 -16.89
CA THR A 261 -2.13 -2.10 -16.09
C THR A 261 -2.13 -3.63 -15.97
N GLU A 262 -1.09 -4.16 -15.34
CA GLU A 262 -1.00 -5.59 -15.07
C GLU A 262 -1.05 -5.94 -13.60
N THR A 263 -0.60 -5.04 -12.72
CA THR A 263 -0.68 -5.24 -11.27
C THR A 263 -1.37 -4.03 -10.66
N ILE A 264 -2.35 -4.30 -9.80
CA ILE A 264 -3.07 -3.25 -9.09
C ILE A 264 -2.42 -3.09 -7.72
N PRO A 265 -1.85 -1.92 -7.40
CA PRO A 265 -1.32 -1.71 -6.06
C PRO A 265 -2.43 -1.80 -5.01
N LEU A 266 -2.12 -2.42 -3.88
CA LEU A 266 -3.05 -2.58 -2.77
C LEU A 266 -2.36 -2.14 -1.49
N PRO A 267 -2.42 -0.85 -1.17
CA PRO A 267 -1.80 -0.37 0.07
C PRO A 267 -2.55 -0.87 1.30
N VAL A 268 -1.90 -1.73 2.07
CA VAL A 268 -2.50 -2.33 3.26
C VAL A 268 -1.71 -1.88 4.48
N ILE A 269 -2.42 -1.38 5.49
CA ILE A 269 -1.79 -0.88 6.70
C ILE A 269 -2.48 -1.48 7.92
N GLN A 270 -1.69 -1.72 8.96
CA GLN A 270 -2.20 -2.22 10.24
C GLN A 270 -2.04 -1.12 11.27
N TYR A 271 -3.14 -0.73 11.90
CA TYR A 271 -3.12 0.36 12.89
C TYR A 271 -4.04 0.02 14.06
N GLN A 272 -3.63 0.45 15.25
CA GLN A 272 -4.43 0.33 16.46
C GLN A 272 -4.46 1.70 17.15
N GLY A 273 -5.59 2.37 17.09
CA GLY A 273 -5.71 3.69 17.67
C GLY A 273 -6.98 4.42 17.29
N GLU A 274 -6.86 5.67 16.87
CA GLU A 274 -7.99 6.49 16.44
C GLU A 274 -8.06 6.54 14.92
N GLU A 275 -9.22 6.96 14.42
CA GLU A 275 -9.46 6.95 12.99
C GLU A 275 -8.73 8.08 12.27
N ASN A 276 -8.47 9.19 12.95
CA ASN A 276 -7.80 10.32 12.31
C ASN A 276 -6.35 9.97 11.95
N GLU A 277 -5.63 9.37 12.89
CA GLU A 277 -4.28 8.95 12.59
C GLU A 277 -4.26 7.84 11.55
N LEU A 278 -5.30 7.00 11.52
CA LEU A 278 -5.42 6.01 10.45
C LEU A 278 -5.55 6.70 9.10
N LYS A 279 -6.35 7.76 9.03
CA LYS A 279 -6.48 8.51 7.78
C LYS A 279 -5.15 9.12 7.38
N ARG A 280 -4.41 9.67 8.34
CA ARG A 280 -3.10 10.25 8.04
C ARG A 280 -2.14 9.20 7.51
N TRP A 281 -2.11 8.03 8.15
CA TRP A 281 -1.23 6.95 7.71
C TRP A 281 -1.60 6.48 6.32
N GLN A 282 -2.90 6.36 6.04
CA GLN A 282 -3.33 5.93 4.72
C GLN A 282 -3.00 6.97 3.67
N LYS A 283 -3.09 8.26 4.01
CA LYS A 283 -2.68 9.30 3.07
C LYS A 283 -1.20 9.21 2.75
N ALA A 284 -0.37 8.97 3.78
CA ALA A 284 1.06 8.80 3.53
C ALA A 284 1.33 7.58 2.64
N MET A 285 0.63 6.48 2.90
CA MET A 285 0.82 5.28 2.09
C MET A 285 0.37 5.53 0.65
N GLU A 286 -0.72 6.28 0.47
CA GLU A 286 -1.18 6.63 -0.87
C GLU A 286 -0.14 7.47 -1.61
N GLN A 287 0.48 8.42 -0.90
CA GLN A 287 1.55 9.20 -1.54
C GLN A 287 2.72 8.31 -1.94
N LYS A 288 3.11 7.38 -1.07
CA LYS A 288 4.21 6.49 -1.41
C LYS A 288 3.88 5.63 -2.63
N VAL A 289 2.65 5.12 -2.70
CA VAL A 289 2.25 4.31 -3.85
C VAL A 289 2.22 5.16 -5.10
N GLN A 290 1.69 6.38 -5.01
CA GLN A 290 1.63 7.27 -6.16
C GLN A 290 3.01 7.68 -6.63
N GLU A 291 4.02 7.61 -5.77
CA GLU A 291 5.38 7.87 -6.21
C GLU A 291 5.78 6.96 -7.36
N LYS A 292 5.37 5.69 -7.30
CA LYS A 292 5.66 4.74 -8.37
C LYS A 292 4.53 4.57 -9.37
N PHE A 293 3.28 4.68 -8.92
CA PHE A 293 2.11 4.59 -9.79
C PHE A 293 1.35 5.91 -9.65
N SER A 294 1.73 6.90 -10.46
CA SER A 294 1.14 8.23 -10.37
C SER A 294 -0.36 8.21 -10.63
N TRP A 295 -0.86 7.19 -11.32
CA TRP A 295 -2.28 7.08 -11.61
C TRP A 295 -3.08 6.57 -10.42
N PHE A 296 -2.42 6.04 -9.39
CA PHE A 296 -3.14 5.45 -8.28
C PHE A 296 -3.79 6.53 -7.41
N SER A 297 -4.90 6.14 -6.77
CA SER A 297 -5.58 7.00 -5.82
C SER A 297 -6.51 6.15 -4.97
N TYR A 298 -6.61 6.48 -3.69
CA TYR A 298 -7.52 5.74 -2.81
C TYR A 298 -8.96 5.89 -3.28
N GLU A 299 -9.35 7.08 -3.71
CA GLU A 299 -10.68 7.26 -4.29
C GLU A 299 -10.82 6.42 -5.56
N LEU A 300 -9.79 6.42 -6.40
CA LEU A 300 -9.83 5.64 -7.64
C LEU A 300 -9.90 4.15 -7.35
N LEU A 301 -9.14 3.68 -6.36
CA LEU A 301 -9.25 2.28 -5.95
C LEU A 301 -10.65 1.98 -5.42
N GLU A 302 -11.24 2.92 -4.68
CA GLU A 302 -12.55 2.70 -4.10
C GLU A 302 -13.63 2.57 -5.16
N ASP A 303 -13.60 3.43 -6.19
CA ASP A 303 -14.69 3.36 -7.16
C ASP A 303 -14.37 2.43 -8.34
N PHE A 304 -13.12 1.96 -8.45
CA PHE A 304 -12.77 1.03 -9.50
C PHE A 304 -12.96 -0.42 -9.09
N TYR A 305 -12.84 -0.73 -7.81
CA TYR A 305 -12.97 -2.11 -7.33
C TYR A 305 -13.84 -2.25 -6.10
N GLY A 306 -14.26 -1.17 -5.47
CA GLY A 306 -15.02 -1.25 -4.24
C GLY A 306 -14.20 -1.41 -2.98
N ILE A 307 -12.87 -1.31 -3.08
CA ILE A 307 -11.99 -1.51 -1.94
C ILE A 307 -11.88 -0.19 -1.20
N THR A 308 -12.57 -0.12 -0.05
CA THR A 308 -12.53 1.09 0.77
C THR A 308 -11.29 1.10 1.64
N ASN A 309 -11.04 2.25 2.28
CA ASN A 309 -9.91 2.37 3.18
C ASN A 309 -10.05 1.43 4.38
N SER A 310 -11.28 1.11 4.77
CA SER A 310 -11.50 0.16 5.85
C SER A 310 -11.04 -1.24 5.46
N ASP A 311 -11.29 -1.63 4.19
CA ASP A 311 -10.90 -2.96 3.74
C ASP A 311 -9.39 -3.15 3.78
N LEU A 312 -8.65 -2.11 3.43
CA LEU A 312 -7.19 -2.19 3.38
C LEU A 312 -6.53 -1.96 4.73
N ALA A 313 -7.31 -1.71 5.79
CA ALA A 313 -6.76 -1.39 7.09
C ALA A 313 -7.03 -2.51 8.07
N ILE A 314 -5.97 -3.01 8.71
CA ILE A 314 -6.11 -3.91 9.85
C ILE A 314 -6.24 -3.00 11.07
N PHE A 315 -7.47 -2.56 11.33
CA PHE A 315 -7.74 -1.47 12.24
C PHE A 315 -8.44 -1.96 13.49
N GLY A 316 -8.02 -1.44 14.63
CA GLY A 316 -8.73 -1.63 15.88
C GLY A 316 -8.69 -0.35 16.69
N ASN A 317 -9.68 -0.20 17.56
CA ASN A 317 -9.82 1.01 18.36
C ASN A 317 -9.04 0.86 19.65
N GLY A 318 -8.16 1.83 19.92
CA GLY A 318 -7.41 1.84 21.14
C GLY A 318 -6.31 0.78 21.17
N ILE A 319 -5.73 0.63 22.36
CA ILE A 319 -4.66 -0.34 22.55
C ILE A 319 -5.24 -1.75 22.54
N LEU A 320 -4.58 -2.65 21.82
CA LEU A 320 -4.98 -4.04 21.79
C LEU A 320 -4.89 -4.61 23.21
N PRO A 321 -5.92 -5.32 23.68
CA PRO A 321 -5.83 -5.96 25.00
C PRO A 321 -4.69 -6.96 25.03
N PHE A 322 -4.01 -7.03 26.17
CA PHE A 322 -2.86 -7.92 26.30
C PHE A 322 -3.30 -9.34 26.62
N GLU A 323 -4.18 -9.89 25.80
CA GLU A 323 -4.65 -11.26 25.94
C GLU A 323 -4.43 -11.97 24.61
N ALA A 324 -3.90 -13.20 24.68
CA ALA A 324 -3.71 -13.98 23.46
C ALA A 324 -5.01 -14.19 22.71
N ASN A 325 -6.13 -14.28 23.44
CA ASN A 325 -7.43 -14.40 22.79
C ASN A 325 -7.74 -13.18 21.94
N ALA A 326 -7.42 -11.98 22.44
CA ALA A 326 -7.67 -10.76 21.68
C ALA A 326 -6.85 -10.73 20.40
N TRP A 327 -5.56 -11.06 20.49
CA TRP A 327 -4.71 -11.06 19.31
C TRP A 327 -5.16 -12.10 18.30
N GLN A 328 -5.51 -13.30 18.76
CA GLN A 328 -5.95 -14.34 17.84
C GLN A 328 -7.29 -13.98 17.20
N LYS A 329 -8.18 -13.34 17.96
CA LYS A 329 -9.43 -12.86 17.39
C LYS A 329 -9.20 -11.80 16.33
N LEU A 330 -8.26 -10.88 16.60
CA LEU A 330 -7.93 -9.86 15.60
C LEU A 330 -7.36 -10.50 14.34
N LEU A 331 -6.50 -11.50 14.50
CA LEU A 331 -5.94 -12.18 13.33
C LEU A 331 -7.02 -12.91 12.55
N GLN A 332 -7.95 -13.59 13.24
CA GLN A 332 -8.95 -14.38 12.55
C GLN A 332 -9.99 -13.50 11.86
N GLU A 333 -10.46 -12.46 12.53
CA GLU A 333 -11.55 -11.66 11.99
C GLU A 333 -11.09 -10.81 10.80
N GLN A 334 -9.90 -10.22 10.90
CA GLN A 334 -9.43 -9.28 9.87
C GLN A 334 -8.28 -9.85 9.04
N VAL A 335 -7.18 -10.25 9.69
CA VAL A 335 -5.96 -10.55 8.96
C VAL A 335 -6.10 -11.83 8.14
N LYS A 336 -6.82 -12.82 8.67
CA LYS A 336 -6.75 -14.17 8.12
C LYS A 336 -7.21 -14.23 6.67
N ASP A 337 -8.32 -13.55 6.34
CA ASP A 337 -8.90 -13.64 5.02
C ASP A 337 -8.82 -12.33 4.24
N LYS A 338 -8.19 -11.30 4.79
CA LYS A 338 -8.15 -10.00 4.13
C LYS A 338 -7.48 -10.09 2.77
N PHE A 339 -6.28 -10.68 2.73
CA PHE A 339 -5.55 -10.78 1.47
C PHE A 339 -6.30 -11.65 0.47
N LYS A 340 -6.91 -12.74 0.93
CA LYS A 340 -7.66 -13.61 0.03
C LYS A 340 -8.83 -12.86 -0.60
N LEU A 341 -9.61 -12.13 0.20
CA LEU A 341 -10.75 -11.42 -0.36
C LEU A 341 -10.30 -10.29 -1.28
N LEU A 342 -9.25 -9.56 -0.89
CA LEU A 342 -8.78 -8.47 -1.73
C LEU A 342 -8.25 -8.97 -3.06
N GLU A 343 -7.53 -10.10 -3.05
CA GLU A 343 -7.09 -10.70 -4.30
C GLU A 343 -8.27 -11.23 -5.11
N ASP A 344 -9.33 -11.67 -4.44
CA ASP A 344 -10.53 -12.09 -5.15
C ASP A 344 -11.21 -10.91 -5.84
N LYS A 345 -11.18 -9.73 -5.21
CA LYS A 345 -11.83 -8.57 -5.81
C LYS A 345 -11.16 -8.17 -7.12
N VAL A 346 -9.84 -8.01 -7.13
CA VAL A 346 -9.09 -7.77 -8.37
C VAL A 346 -8.67 -9.14 -8.88
N MET A 347 -9.61 -9.80 -9.55
CA MET A 347 -9.44 -11.19 -9.94
C MET A 347 -8.49 -11.31 -11.14
N PRO A 348 -8.78 -10.72 -12.30
CA PRO A 348 -7.97 -11.02 -13.48
C PRO A 348 -6.56 -10.47 -13.41
N LYS A 349 -6.30 -9.46 -12.60
CA LYS A 349 -4.99 -8.84 -12.52
C LYS A 349 -4.23 -9.34 -11.31
N LYS A 350 -2.90 -9.22 -11.38
CA LYS A 350 -2.05 -9.51 -10.25
C LYS A 350 -2.08 -8.37 -9.25
N VAL A 351 -1.56 -8.62 -8.05
CA VAL A 351 -1.62 -7.66 -6.96
C VAL A 351 -0.20 -7.33 -6.52
N LEU A 352 0.08 -6.04 -6.38
CA LEU A 352 1.35 -5.56 -5.81
C LEU A 352 1.02 -4.97 -4.44
N TRP A 353 1.16 -5.79 -3.41
CA TRP A 353 0.79 -5.41 -2.06
C TRP A 353 1.82 -4.45 -1.50
N PHE A 354 1.42 -3.21 -1.23
CA PHE A 354 2.26 -2.27 -0.49
C PHE A 354 1.85 -2.36 0.97
N TYR A 355 2.80 -2.74 1.84
CA TYR A 355 2.45 -3.06 3.21
C TYR A 355 3.30 -2.25 4.21
N ALA A 356 2.60 -1.65 5.17
CA ALA A 356 3.20 -1.07 6.36
C ALA A 356 2.34 -1.44 7.56
N GLY A 357 2.96 -1.50 8.74
CA GLY A 357 2.26 -1.90 9.93
C GLY A 357 2.67 -1.06 11.13
N GLN A 358 2.04 -1.35 12.27
CA GLN A 358 2.29 -0.59 13.50
C GLN A 358 2.93 -1.45 14.59
N ILE A 359 2.34 -2.58 14.96
CA ILE A 359 2.83 -3.40 16.05
C ILE A 359 3.74 -4.47 15.48
N SER A 360 4.99 -4.51 15.94
CA SER A 360 5.99 -5.38 15.34
C SER A 360 5.65 -6.85 15.52
N THR A 361 5.22 -7.23 16.73
CA THR A 361 4.93 -8.64 16.99
C THR A 361 3.76 -9.13 16.14
N LEU A 362 2.86 -8.30 15.77
CA LEU A 362 1.69 -8.74 15.08
C LEU A 362 2.05 -8.93 13.74
N GLN A 363 3.27 -8.68 13.39
CA GLN A 363 3.57 -8.73 11.99
C GLN A 363 3.96 -10.08 11.61
N LEU A 364 4.63 -10.76 12.50
CA LEU A 364 5.11 -12.04 12.23
C LEU A 364 3.94 -12.86 11.97
N GLY A 365 2.85 -12.65 12.66
CA GLY A 365 1.66 -13.39 12.29
C GLY A 365 1.04 -12.91 11.01
N ILE A 366 1.06 -11.60 10.77
CA ILE A 366 0.48 -11.07 9.55
C ILE A 366 1.26 -11.55 8.33
N GLY A 367 2.59 -11.59 8.44
CA GLY A 367 3.40 -12.12 7.35
C GLY A 367 3.24 -13.63 7.18
N ALA A 368 3.12 -14.36 8.28
CA ALA A 368 2.91 -15.80 8.20
C ALA A 368 1.61 -16.11 7.47
N LEU A 369 0.55 -15.36 7.77
CA LEU A 369 -0.69 -15.52 7.01
C LEU A 369 -0.55 -14.97 5.60
N PHE A 370 0.29 -13.97 5.40
CA PHE A 370 0.50 -13.39 4.08
C PHE A 370 1.18 -14.38 3.15
N GLY A 371 2.25 -15.00 3.61
CA GLY A 371 2.93 -16.03 2.86
C GLY A 371 3.96 -15.49 1.89
N PHE A 372 4.79 -16.40 1.40
CA PHE A 372 5.84 -16.10 0.44
C PHE A 372 5.33 -16.15 -1.00
N LYS A 373 4.02 -16.35 -1.19
CA LYS A 373 3.43 -16.50 -2.51
C LYS A 373 2.84 -15.20 -3.04
N ARG A 374 3.12 -14.07 -2.40
CA ARG A 374 2.59 -12.79 -2.82
C ARG A 374 3.73 -11.80 -3.04
N ALA A 375 3.70 -11.11 -4.17
CA ALA A 375 4.69 -10.08 -4.45
C ALA A 375 4.33 -8.83 -3.66
N VAL A 376 5.22 -8.43 -2.75
CA VAL A 376 4.92 -7.38 -1.78
C VAL A 376 6.08 -6.40 -1.72
N SER A 377 5.76 -5.11 -1.76
CA SER A 377 6.68 -4.06 -1.37
C SER A 377 6.39 -3.70 0.08
N ILE A 378 7.31 -4.07 0.97
CA ILE A 378 7.18 -3.77 2.39
C ILE A 378 7.91 -2.47 2.66
N LEU A 379 7.18 -1.48 3.16
CA LEU A 379 7.67 -0.13 3.33
C LEU A 379 7.93 0.18 4.80
N GLN A 380 8.99 0.93 5.06
CA GLN A 380 9.30 1.43 6.40
C GLN A 380 9.34 2.95 6.33
N MET A 381 8.66 3.59 7.28
CA MET A 381 8.58 5.04 7.26
C MET A 381 9.89 5.66 7.74
N GLU A 382 10.37 6.65 7.01
CA GLU A 382 11.53 7.44 7.41
C GLU A 382 11.02 8.76 7.95
N PHE A 383 11.25 9.00 9.24
CA PHE A 383 10.63 10.11 9.94
C PHE A 383 11.40 11.42 9.80
N SER A 384 12.55 11.42 9.11
CA SER A 384 13.21 12.68 8.79
C SER A 384 12.36 13.51 7.84
N ASN A 385 11.71 12.86 6.88
CA ASN A 385 10.83 13.52 5.93
C ASN A 385 9.42 12.98 5.98
N THR A 386 9.13 12.09 6.93
CA THR A 386 7.81 11.44 7.05
C THR A 386 7.41 10.81 5.72
N THR A 387 8.34 10.08 5.12
CA THR A 387 8.14 9.42 3.84
C THR A 387 8.46 7.94 3.96
N TYR A 388 7.64 7.11 3.32
CA TYR A 388 7.90 5.69 3.29
C TYR A 388 9.04 5.37 2.34
N HIS A 389 9.78 4.30 2.65
CA HIS A 389 10.81 3.78 1.78
C HIS A 389 10.55 2.30 1.54
N GLU A 390 10.67 1.87 0.29
CA GLU A 390 10.44 0.48 -0.08
C GLU A 390 11.65 -0.34 0.35
N VAL A 391 11.64 -0.74 1.62
CA VAL A 391 12.80 -1.43 2.18
C VAL A 391 12.85 -2.88 1.76
N PHE A 392 11.70 -3.49 1.46
CA PHE A 392 11.67 -4.87 0.98
C PHE A 392 10.98 -4.89 -0.38
N ILE A 393 11.77 -5.12 -1.42
CA ILE A 393 11.27 -5.20 -2.80
C ILE A 393 11.23 -6.67 -3.18
N LEU A 394 10.02 -7.20 -3.35
CA LEU A 394 9.82 -8.61 -3.63
C LEU A 394 8.92 -8.80 -4.83
N TYR A 395 9.23 -8.07 -5.91
CA TYR A 395 8.43 -8.14 -7.12
C TYR A 395 9.27 -7.69 -8.30
N GLY A 396 8.77 -7.95 -9.50
CA GLY A 396 9.43 -7.47 -10.70
C GLY A 396 10.70 -8.24 -10.99
N LYS A 397 11.71 -7.51 -11.48
CA LYS A 397 12.99 -8.13 -11.81
C LYS A 397 13.65 -8.72 -10.57
N GLU A 398 13.59 -8.00 -9.44
CA GLU A 398 14.12 -8.51 -8.19
C GLU A 398 13.40 -9.80 -7.80
N ASN A 399 14.13 -10.91 -7.80
CA ASN A 399 13.52 -12.21 -7.57
C ASN A 399 13.04 -12.33 -6.13
N ALA A 400 11.79 -12.77 -5.97
CA ALA A 400 11.26 -13.08 -4.65
C ALA A 400 11.79 -14.39 -4.11
N ARG A 401 12.50 -15.18 -4.92
CA ARG A 401 13.16 -16.37 -4.39
C ARG A 401 14.34 -15.99 -3.49
N GLN A 402 14.97 -14.85 -3.74
CA GLN A 402 16.03 -14.36 -2.86
C GLN A 402 15.52 -14.05 -1.47
N LEU A 403 14.20 -13.94 -1.30
CA LEU A 403 13.60 -13.85 0.02
C LEU A 403 14.00 -15.03 0.88
N LYS A 404 13.97 -16.24 0.30
CA LYS A 404 14.25 -17.48 1.01
C LYS A 404 15.65 -18.01 0.72
N ASN A 405 16.62 -17.12 0.54
CA ASN A 405 18.01 -17.53 0.27
C ASN A 405 18.70 -17.78 1.60
N VAL A 406 18.88 -19.05 1.93
CA VAL A 406 19.53 -19.45 3.18
C VAL A 406 20.96 -19.93 2.93
N SER A 407 21.57 -19.51 1.81
CA SER A 407 22.90 -19.98 1.46
C SER A 407 24.01 -19.23 2.19
N VAL A 408 23.68 -18.18 2.95
CA VAL A 408 24.71 -17.38 3.60
C VAL A 408 25.30 -18.15 4.77
N LYS A 409 26.62 -18.28 4.79
CA LYS A 409 27.30 -18.88 5.93
C LYS A 409 27.54 -17.81 7.01
N LYS A 410 27.93 -18.28 8.19
CA LYS A 410 28.20 -17.36 9.29
C LYS A 410 29.37 -16.44 8.96
N GLU A 411 30.42 -16.97 8.35
CA GLU A 411 31.56 -16.16 7.95
C GLU A 411 31.23 -15.15 6.86
N ASP A 412 30.10 -15.33 6.17
CA ASP A 412 29.68 -14.43 5.12
C ASP A 412 28.63 -13.43 5.57
N TYR A 413 28.48 -13.25 6.88
CA TYR A 413 27.53 -12.27 7.41
C TYR A 413 28.15 -10.88 7.37
N GLN A 414 27.36 -9.90 6.93
CA GLN A 414 27.80 -8.52 6.86
C GLN A 414 26.87 -7.53 7.53
N TYR A 415 25.69 -7.95 7.99
CA TYR A 415 24.74 -7.03 8.60
C TYR A 415 24.30 -7.45 9.99
N ILE A 416 24.16 -8.75 10.24
CA ILE A 416 23.74 -9.21 11.55
C ILE A 416 24.90 -9.93 12.23
N GLN A 417 24.81 -10.02 13.55
CA GLN A 417 25.72 -10.78 14.38
C GLN A 417 24.89 -11.80 15.14
N SER A 418 25.14 -13.08 14.90
CA SER A 418 24.31 -14.15 15.40
C SER A 418 25.13 -15.14 16.23
N GLU A 419 24.55 -15.61 17.31
CA GLU A 419 25.19 -16.60 18.18
C GLU A 419 24.15 -17.63 18.60
N LEU A 420 24.63 -18.82 18.93
CA LEU A 420 23.77 -19.94 19.32
C LEU A 420 24.34 -20.58 20.57
N LEU A 421 23.65 -20.45 21.69
CA LEU A 421 24.06 -21.04 22.95
C LEU A 421 23.21 -22.27 23.22
N ILE A 422 23.87 -23.39 23.50
CA ILE A 422 23.21 -24.66 23.77
C ILE A 422 23.69 -25.12 25.15
N ASN A 423 22.93 -24.77 26.19
CA ASN A 423 23.27 -25.20 27.54
C ASN A 423 22.48 -26.41 28.01
N GLU A 424 21.40 -26.76 27.31
CA GLU A 424 20.58 -27.93 27.62
C GLU A 424 20.36 -28.72 26.33
N PRO A 425 21.38 -29.44 25.87
CA PRO A 425 21.23 -30.19 24.61
C PRO A 425 20.13 -31.24 24.65
N HIS A 426 19.82 -31.78 25.84
CA HIS A 426 18.81 -32.83 25.95
C HIS A 426 17.40 -32.30 25.72
N LYS A 427 17.17 -31.00 25.90
CA LYS A 427 15.86 -30.40 25.72
C LYS A 427 15.76 -29.80 24.32
N ASN A 428 14.68 -30.12 23.62
CA ASN A 428 14.50 -29.69 22.24
C ASN A 428 13.70 -28.40 22.15
N GLU A 429 14.22 -27.38 22.83
CA GLU A 429 13.59 -26.06 22.84
C GLU A 429 14.67 -24.99 22.94
N LEU A 430 14.45 -23.87 22.26
CA LEU A 430 15.41 -22.78 22.29
C LEU A 430 14.68 -21.45 22.15
N GLY A 431 15.34 -20.39 22.62
CA GLY A 431 14.77 -19.07 22.55
C GLY A 431 15.32 -18.24 21.41
N PHE A 432 14.46 -17.93 20.43
CA PHE A 432 14.85 -17.11 19.28
C PHE A 432 14.63 -15.65 19.62
N ILE A 433 15.72 -14.93 19.86
CA ILE A 433 15.67 -13.52 20.25
C ILE A 433 16.33 -12.70 19.16
N ILE A 434 15.59 -11.72 18.63
CA ILE A 434 16.07 -10.86 17.56
C ILE A 434 16.12 -9.44 18.08
N TYR A 435 17.27 -8.78 17.90
CA TYR A 435 17.46 -7.40 18.35
C TYR A 435 18.04 -6.60 17.19
N LEU A 436 17.17 -6.08 16.34
CA LEU A 436 17.59 -5.18 15.29
C LEU A 436 17.13 -3.74 15.50
N GLY A 437 16.14 -3.53 16.36
CA GLY A 437 15.74 -2.19 16.76
C GLY A 437 16.72 -1.62 17.77
N SER A 438 16.20 -0.80 18.68
CA SER A 438 17.03 -0.16 19.69
C SER A 438 16.76 -0.62 21.12
N HIS A 439 15.51 -0.81 21.52
CA HIS A 439 15.21 -1.23 22.88
C HIS A 439 15.60 -2.68 23.06
N ASN A 440 16.64 -2.92 23.86
CA ASN A 440 17.22 -4.25 23.95
C ASN A 440 16.28 -5.24 24.62
N PRO A 441 15.89 -6.32 23.96
CA PRO A 441 15.06 -7.35 24.60
C PRO A 441 15.82 -8.56 25.13
N ILE A 442 17.15 -8.58 25.01
CA ILE A 442 17.91 -9.79 25.31
C ILE A 442 17.77 -10.16 26.78
N GLY A 443 18.00 -9.20 27.67
CA GLY A 443 17.91 -9.50 29.10
C GLY A 443 16.52 -9.92 29.52
N GLU A 444 15.51 -9.17 29.08
CA GLU A 444 14.14 -9.48 29.48
C GLU A 444 13.67 -10.81 28.92
N ALA A 445 13.98 -11.08 27.64
CA ALA A 445 13.54 -12.33 27.04
C ALA A 445 14.29 -13.53 27.62
N LYS A 446 15.58 -13.37 27.89
CA LYS A 446 16.34 -14.45 28.53
C LYS A 446 15.81 -14.74 29.92
N ALA A 447 15.49 -13.69 30.69
CA ALA A 447 14.91 -13.90 32.01
C ALA A 447 13.54 -14.57 31.90
N TYR A 448 12.75 -14.18 30.89
CA TYR A 448 11.44 -14.79 30.71
C TYR A 448 11.57 -16.28 30.39
N CYS A 449 12.52 -16.64 29.53
CA CYS A 449 12.74 -18.04 29.22
C CYS A 449 13.22 -18.82 30.44
N GLN A 450 14.22 -18.29 31.16
CA GLN A 450 14.82 -19.02 32.25
C GLN A 450 13.90 -19.12 33.47
N LYS A 451 13.03 -18.13 33.68
CA LYS A 451 12.20 -18.10 34.87
C LYS A 451 10.79 -18.63 34.64
N GLN A 452 10.35 -18.62 33.40
CA GLN A 452 8.99 -19.01 33.07
C GLN A 452 8.90 -20.21 32.23
N LEU A 453 9.56 -20.20 31.09
CA LEU A 453 9.54 -21.30 30.14
C LEU A 453 10.61 -22.34 30.41
N GLN A 454 11.49 -22.10 31.34
CA GLN A 454 12.59 -22.99 31.64
C GLN A 454 13.28 -23.36 30.37
N ILE A 455 14.05 -22.45 29.83
CA ILE A 455 14.80 -22.65 28.58
C ILE A 455 16.19 -22.05 28.76
N ASN A 456 17.22 -22.81 28.37
CA ASN A 456 18.59 -22.33 28.38
C ASN A 456 19.25 -22.30 27.02
N ASN A 457 18.60 -22.83 25.99
CA ASN A 457 19.10 -22.76 24.62
C ASN A 457 18.57 -21.50 23.96
N PHE A 458 19.45 -20.80 23.25
CA PHE A 458 19.09 -19.51 22.69
C PHE A 458 19.77 -19.31 21.33
N LEU A 459 19.06 -18.61 20.44
CA LEU A 459 19.61 -18.14 19.17
C LEU A 459 19.46 -16.63 19.16
N ILE A 460 20.54 -15.91 19.44
CA ILE A 460 20.52 -14.47 19.61
C ILE A 460 21.02 -13.81 18.33
N ILE A 461 20.23 -12.91 17.78
CA ILE A 461 20.57 -12.19 16.56
C ILE A 461 20.48 -10.69 16.83
N GLN A 462 21.58 -9.98 16.66
CA GLN A 462 21.62 -8.53 16.78
C GLN A 462 22.18 -7.95 15.49
N ALA A 463 22.32 -6.62 15.46
CA ALA A 463 22.95 -5.98 14.32
C ALA A 463 24.47 -6.01 14.47
N ARG A 464 25.16 -6.07 13.34
CA ARG A 464 26.61 -6.23 13.37
C ARG A 464 27.31 -4.95 13.80
N GLU A 465 27.04 -3.84 13.09
CA GLU A 465 27.79 -2.61 13.31
C GLU A 465 26.94 -1.50 13.92
N ASN A 466 25.81 -1.15 13.30
CA ASN A 466 25.00 -0.01 13.74
C ASN A 466 23.69 -0.54 14.32
N GLN A 467 23.70 -0.81 15.61
CA GLN A 467 22.50 -1.27 16.29
C GLN A 467 21.49 -0.14 16.42
N GLY A 468 20.25 -0.41 16.07
CA GLY A 468 19.18 0.55 16.18
C GLY A 468 18.99 1.43 14.96
N VAL A 469 19.90 1.40 14.00
CA VAL A 469 19.79 2.18 12.77
C VAL A 469 20.04 1.23 11.60
N MET A 470 18.98 0.89 10.87
CA MET A 470 19.09 0.14 9.64
C MET A 470 18.72 1.08 8.49
N GLU A 471 19.64 1.23 7.54
CA GLU A 471 19.51 2.26 6.51
C GLU A 471 18.24 2.06 5.70
N THR A 472 17.29 2.99 5.86
CA THR A 472 16.01 2.87 5.17
C THR A 472 16.14 3.05 3.67
N SER A 473 17.24 3.67 3.21
CA SER A 473 17.46 3.84 1.78
C SER A 473 17.94 2.55 1.11
N GLN A 474 18.71 1.74 1.83
CA GLN A 474 19.25 0.51 1.26
C GLN A 474 18.20 -0.58 1.26
N ASN A 475 18.55 -1.74 0.72
CA ASN A 475 17.67 -2.90 0.69
C ASN A 475 17.89 -3.74 1.94
N TRP A 476 16.80 -4.07 2.63
CA TRP A 476 16.86 -4.83 3.87
C TRP A 476 16.80 -6.34 3.64
N LEU A 477 16.77 -6.78 2.39
CA LEU A 477 16.76 -8.21 2.11
C LEU A 477 17.94 -8.96 2.70
N PRO A 478 19.19 -8.48 2.62
CA PRO A 478 20.29 -9.25 3.23
C PRO A 478 20.15 -9.49 4.72
N TYR A 479 19.59 -8.54 5.47
CA TYR A 479 19.35 -8.75 6.90
C TYR A 479 18.53 -10.01 7.13
N LEU A 480 17.39 -10.09 6.46
CA LEU A 480 16.50 -11.23 6.62
C LEU A 480 17.09 -12.51 6.04
N GLN A 481 17.83 -12.40 4.94
CA GLN A 481 18.48 -13.57 4.38
C GLN A 481 19.47 -14.17 5.37
N GLU A 482 20.28 -13.32 5.99
CA GLU A 482 21.24 -13.82 6.97
C GLU A 482 20.54 -14.35 8.22
N ILE A 483 19.42 -13.74 8.62
CA ILE A 483 18.67 -14.22 9.76
C ILE A 483 18.12 -15.62 9.48
N ASN A 484 17.53 -15.80 8.31
CA ASN A 484 16.99 -17.11 7.93
C ASN A 484 18.10 -18.15 7.82
N SER A 485 19.24 -17.75 7.27
CA SER A 485 20.38 -18.68 7.17
C SER A 485 20.86 -19.10 8.55
N ALA A 486 20.93 -18.15 9.49
CA ALA A 486 21.33 -18.50 10.85
C ALA A 486 20.32 -19.44 11.50
N LEU A 487 19.02 -19.17 11.29
CA LEU A 487 17.98 -20.03 11.86
C LEU A 487 18.11 -21.46 11.34
N ASN A 488 18.27 -21.61 10.02
CA ASN A 488 18.33 -22.94 9.44
C ASN A 488 19.68 -23.61 9.64
N THR A 489 20.73 -22.85 9.95
CA THR A 489 21.97 -23.46 10.40
C THR A 489 21.88 -23.93 11.84
N ALA A 490 21.09 -23.24 12.66
CA ALA A 490 20.77 -23.76 13.99
C ALA A 490 19.95 -25.05 13.86
N ARG A 491 19.03 -25.10 12.90
CA ARG A 491 18.25 -26.30 12.64
C ARG A 491 19.03 -27.37 11.89
N GLN A 492 20.35 -27.22 11.74
CA GLN A 492 21.12 -28.19 10.96
C GLN A 492 21.34 -29.48 11.74
N GLU A 493 22.03 -29.39 12.88
CA GLU A 493 22.36 -30.55 13.68
C GLU A 493 21.47 -30.73 14.89
N TYR A 494 20.44 -29.90 15.03
CA TYR A 494 19.56 -29.95 16.19
C TYR A 494 18.12 -30.09 15.74
N HIS A 495 17.32 -30.76 16.58
CA HIS A 495 15.88 -30.83 16.41
C HIS A 495 15.24 -30.01 17.52
N TRP A 496 14.46 -29.00 17.13
CA TRP A 496 13.82 -28.10 18.07
C TRP A 496 12.32 -28.39 18.08
N GLU A 497 11.83 -28.92 19.19
CA GLU A 497 10.40 -29.16 19.32
C GLU A 497 9.63 -27.85 19.33
N ARG A 498 10.17 -26.83 19.99
CA ARG A 498 9.53 -25.53 20.07
C ARG A 498 10.58 -24.43 19.96
N ILE A 499 10.24 -23.37 19.23
CA ILE A 499 11.05 -22.17 19.13
C ILE A 499 10.23 -21.01 19.69
N HIS A 500 10.87 -20.14 20.45
CA HIS A 500 10.20 -19.02 21.10
C HIS A 500 10.80 -17.72 20.57
N LEU A 501 9.94 -16.85 20.05
CA LEU A 501 10.37 -15.65 19.32
C LEU A 501 10.06 -14.40 20.12
N PHE A 502 11.12 -13.71 20.55
CA PHE A 502 11.05 -12.40 21.20
C PHE A 502 11.90 -11.44 20.39
N GLN A 503 11.28 -10.42 19.80
CA GLN A 503 11.99 -9.54 18.89
C GLN A 503 11.76 -8.07 19.22
N THR A 504 12.81 -7.29 19.04
CA THR A 504 12.72 -5.83 18.93
C THR A 504 13.29 -5.52 17.55
N ALA A 505 12.42 -5.54 16.55
CA ALA A 505 12.83 -5.44 15.16
C ALA A 505 11.89 -4.50 14.43
N PRO A 506 12.35 -3.90 13.33
CA PRO A 506 11.48 -3.00 12.57
C PRO A 506 10.23 -3.70 12.07
N THR A 507 9.18 -2.91 11.88
CA THR A 507 7.89 -3.45 11.45
C THR A 507 8.01 -4.19 10.12
N ALA A 508 8.64 -3.56 9.13
CA ALA A 508 8.78 -4.19 7.82
C ALA A 508 9.64 -5.44 7.90
N LEU A 509 10.71 -5.39 8.69
CA LEU A 509 11.56 -6.56 8.87
C LEU A 509 10.79 -7.68 9.54
N CYS A 510 9.94 -7.36 10.52
CA CYS A 510 9.13 -8.39 11.16
C CYS A 510 8.17 -9.02 10.18
N MET A 511 7.53 -8.21 9.33
CA MET A 511 6.64 -8.77 8.32
C MET A 511 7.40 -9.66 7.34
N ALA A 512 8.59 -9.23 6.93
CA ALA A 512 9.40 -10.04 6.01
C ALA A 512 9.82 -11.35 6.66
N LEU A 513 10.19 -11.31 7.93
CA LEU A 513 10.58 -12.54 8.63
C LEU A 513 9.38 -13.48 8.77
N GLY A 514 8.20 -12.94 9.05
CA GLY A 514 7.01 -13.77 9.08
C GLY A 514 6.72 -14.40 7.74
N ILE A 515 6.95 -13.64 6.66
CA ILE A 515 6.74 -14.18 5.32
C ILE A 515 7.73 -15.30 5.04
N ALA A 516 9.01 -15.08 5.35
CA ALA A 516 10.04 -16.06 5.03
C ALA A 516 9.88 -17.33 5.85
N VAL A 517 9.75 -17.19 7.17
CA VAL A 517 9.63 -18.36 8.04
C VAL A 517 8.30 -19.07 7.79
N GLY A 518 7.22 -18.31 7.75
CA GLY A 518 5.92 -18.91 7.50
C GLY A 518 5.42 -19.73 8.69
N HIS A 519 4.51 -20.63 8.38
CA HIS A 519 3.86 -21.47 9.38
C HIS A 519 4.53 -22.84 9.53
N PHE A 520 5.69 -23.05 8.93
CA PHE A 520 6.31 -24.36 8.88
C PHE A 520 7.19 -24.66 10.07
N LEU A 521 7.32 -23.73 11.02
CA LEU A 521 8.17 -23.98 12.17
C LEU A 521 7.39 -23.84 13.46
N PRO A 522 7.71 -24.63 14.48
CA PRO A 522 7.02 -24.51 15.77
C PRO A 522 7.48 -23.28 16.53
N VAL A 523 6.97 -22.11 16.14
CA VAL A 523 7.42 -20.84 16.71
C VAL A 523 6.25 -20.20 17.45
N ASP A 524 6.44 -19.93 18.73
CA ASP A 524 5.50 -19.19 19.56
C ASP A 524 6.05 -17.78 19.70
N VAL A 525 5.27 -16.78 19.27
CA VAL A 525 5.72 -15.40 19.26
C VAL A 525 5.20 -14.71 20.51
N TYR A 526 6.09 -14.07 21.26
CA TYR A 526 5.74 -13.45 22.54
C TYR A 526 5.81 -11.95 22.39
N HIS A 527 4.65 -11.30 22.41
CA HIS A 527 4.60 -9.84 22.33
C HIS A 527 5.04 -9.21 23.64
N TYR A 528 5.60 -8.02 23.55
CA TYR A 528 5.98 -7.21 24.71
C TYR A 528 5.00 -6.06 24.81
N GLN A 529 4.35 -5.93 25.96
CA GLN A 529 3.38 -4.87 26.21
C GLN A 529 3.98 -3.86 27.17
N PHE A 530 4.00 -2.60 26.76
CA PHE A 530 4.60 -1.55 27.59
C PHE A 530 3.73 -1.23 28.80
N ASN A 531 2.42 -1.12 28.62
CA ASN A 531 1.51 -0.80 29.71
C ASN A 531 0.88 -2.08 30.27
N ALA A 532 1.74 -2.92 30.85
CA ALA A 532 1.28 -4.18 31.41
C ALA A 532 2.12 -4.51 32.63
N GLU A 533 1.56 -5.35 33.49
CA GLU A 533 2.24 -5.81 34.70
C GLU A 533 3.10 -7.03 34.36
N GLU A 534 4.17 -7.19 35.14
CA GLU A 534 5.09 -8.29 34.89
C GLU A 534 4.38 -9.63 35.08
N PRO A 535 4.61 -10.60 34.19
CA PRO A 535 5.49 -10.56 33.02
C PRO A 535 4.88 -9.79 31.86
N LYS A 536 5.68 -8.97 31.17
CA LYS A 536 5.20 -8.22 30.03
C LYS A 536 5.29 -8.98 28.72
N TYR A 537 5.84 -10.19 28.74
CA TYR A 537 5.83 -11.06 27.58
C TYR A 537 4.66 -12.03 27.68
N ARG A 538 4.10 -12.39 26.54
CA ARG A 538 2.96 -13.29 26.49
C ARG A 538 2.87 -13.89 25.09
N CYS A 539 2.67 -15.20 25.03
CA CYS A 539 2.58 -15.87 23.74
C CYS A 539 1.25 -15.52 23.08
N VAL A 540 1.24 -14.45 22.28
CA VAL A 540 0.01 -14.01 21.65
C VAL A 540 -0.47 -15.01 20.61
N PHE A 541 0.46 -15.67 19.91
CA PHE A 541 0.10 -16.68 18.93
C PHE A 541 1.29 -17.58 18.66
N SER A 542 1.03 -18.65 17.91
CA SER A 542 2.04 -19.58 17.46
C SER A 542 2.03 -19.61 15.94
N LEU A 543 3.22 -19.60 15.33
CA LEU A 543 3.32 -19.51 13.88
C LEU A 543 2.70 -20.72 13.19
N ASP A 544 2.88 -21.91 13.77
CA ASP A 544 2.40 -23.13 13.15
C ASP A 544 0.90 -23.36 13.31
N LYS A 545 0.23 -22.61 14.18
CA LYS A 545 -1.19 -22.81 14.45
C LYS A 545 -2.07 -21.80 13.73
N MET A 546 -1.51 -20.99 12.82
CA MET A 546 -2.31 -19.98 12.15
C MET A 546 -3.20 -20.58 11.05
N LEU A 547 -2.75 -21.64 10.40
CA LEU A 547 -3.58 -22.30 9.40
C LEU A 547 -4.77 -23.01 10.03
N ASN A 548 -4.74 -23.24 11.34
CA ASN A 548 -5.85 -23.90 12.04
C ASN A 548 -6.81 -22.87 12.61
N PHE B 47 -38.76 32.50 -22.37
CA PHE B 47 -37.82 32.31 -23.47
C PHE B 47 -37.19 33.63 -23.88
N ASN B 48 -37.31 33.98 -25.16
CA ASN B 48 -36.77 35.25 -25.65
C ASN B 48 -37.45 36.43 -24.97
N GLU B 49 -38.77 36.36 -24.80
CA GLU B 49 -39.48 37.41 -24.08
C GLU B 49 -39.00 37.50 -22.64
N THR B 50 -38.79 36.36 -21.99
CA THR B 50 -38.28 36.37 -20.63
C THR B 50 -36.88 36.97 -20.57
N ALA B 51 -36.03 36.65 -21.56
CA ALA B 51 -34.69 37.23 -21.60
C ALA B 51 -34.76 38.75 -21.78
N ASP B 52 -35.64 39.22 -22.66
CA ASP B 52 -35.79 40.66 -22.85
C ASP B 52 -36.30 41.34 -21.59
N LYS B 53 -37.24 40.71 -20.90
CA LYS B 53 -37.73 41.27 -19.63
C LYS B 53 -36.63 41.32 -18.59
N TYR B 54 -35.81 40.27 -18.52
CA TYR B 54 -34.70 40.26 -17.58
C TYR B 54 -33.68 41.34 -17.91
N LEU B 55 -33.49 41.61 -19.21
CA LEU B 55 -32.57 42.67 -19.62
C LEU B 55 -33.04 44.03 -19.12
N LYS B 56 -34.35 44.28 -19.18
CA LYS B 56 -34.92 45.55 -18.75
C LYS B 56 -35.42 45.53 -17.32
N SER B 57 -34.85 44.68 -16.47
CA SER B 57 -35.26 44.60 -15.07
C SER B 57 -34.09 44.17 -14.22
N GLY B 58 -34.17 44.47 -12.93
CA GLY B 58 -33.14 44.10 -11.99
C GLY B 58 -33.50 42.90 -11.13
N SER B 59 -34.54 42.16 -11.55
CA SER B 59 -35.00 41.02 -10.77
C SER B 59 -33.94 39.93 -10.75
N ALA B 60 -33.66 39.41 -9.55
CA ALA B 60 -32.65 38.36 -9.41
C ALA B 60 -33.16 37.00 -9.86
N GLU B 61 -34.47 36.75 -9.73
CA GLU B 61 -35.02 35.46 -10.14
C GLU B 61 -34.86 35.25 -11.65
N ALA B 62 -35.14 36.29 -12.44
CA ALA B 62 -34.99 36.18 -13.88
C ALA B 62 -33.52 35.99 -14.26
N GLU B 63 -32.62 36.68 -13.58
CA GLU B 63 -31.19 36.50 -13.84
C GLU B 63 -30.75 35.08 -13.53
N LEU B 64 -31.21 34.53 -12.41
CA LEU B 64 -30.86 33.15 -12.06
C LEU B 64 -31.44 32.17 -13.07
N ILE B 65 -32.66 32.40 -13.52
CA ILE B 65 -33.27 31.53 -14.52
C ILE B 65 -32.48 31.58 -15.82
N ILE B 66 -32.05 32.78 -16.23
CA ILE B 66 -31.26 32.92 -17.45
C ILE B 66 -29.91 32.21 -17.29
N LEU B 67 -29.29 32.34 -16.12
CA LEU B 67 -28.02 31.66 -15.87
C LEU B 67 -28.20 30.15 -15.96
N GLN B 68 -29.27 29.62 -15.36
CA GLN B 68 -29.51 28.17 -15.42
C GLN B 68 -29.76 27.72 -16.85
N TYR B 69 -30.53 28.50 -17.61
CA TYR B 69 -30.80 28.14 -19.00
C TYR B 69 -29.52 28.14 -19.83
N ILE B 70 -28.65 29.13 -19.60
CA ILE B 70 -27.38 29.20 -20.33
C ILE B 70 -26.50 28.01 -19.94
N GLN B 71 -26.44 27.69 -18.65
CA GLN B 71 -25.62 26.57 -18.20
C GLN B 71 -26.10 25.25 -18.79
N GLN B 72 -27.41 25.05 -18.82
CA GLN B 72 -27.99 23.83 -19.36
C GLN B 72 -28.19 23.89 -20.87
N ASP B 73 -27.99 25.06 -21.49
CA ASP B 73 -28.15 25.23 -22.93
C ASP B 73 -29.54 24.82 -23.41
N ASP B 79 -30.96 33.25 -29.61
CA ASP B 79 -31.07 34.65 -29.22
C ASP B 79 -29.75 35.16 -28.67
N GLU B 80 -28.68 35.02 -29.46
CA GLU B 80 -27.36 35.48 -29.05
C GLU B 80 -27.29 37.00 -28.91
N GLU B 81 -28.21 37.73 -29.55
CA GLU B 81 -28.19 39.19 -29.46
C GLU B 81 -28.40 39.66 -28.03
N TRP B 82 -29.37 39.05 -27.33
CA TRP B 82 -29.58 39.37 -25.92
C TRP B 82 -28.40 38.91 -25.08
N VAL B 83 -27.84 37.73 -25.41
CA VAL B 83 -26.65 37.25 -24.71
C VAL B 83 -25.49 38.20 -24.93
N TYR B 84 -25.30 38.67 -26.17
CA TYR B 84 -24.27 39.66 -26.44
C TYR B 84 -24.55 40.96 -25.69
N ASN B 85 -25.82 41.37 -25.66
CA ASN B 85 -26.19 42.58 -24.93
C ASN B 85 -25.95 42.42 -23.43
N LEU B 86 -26.29 41.25 -22.89
CA LEU B 86 -26.08 41.01 -21.46
C LEU B 86 -24.59 41.01 -21.10
N LEU B 87 -23.73 40.66 -22.05
CA LEU B 87 -22.29 40.75 -21.80
C LEU B 87 -21.86 42.19 -21.55
N GLU B 88 -22.37 43.13 -22.35
CA GLU B 88 -22.05 44.54 -22.14
C GLU B 88 -22.72 45.07 -20.88
N LYS B 89 -24.00 44.75 -20.69
CA LYS B 89 -24.74 45.19 -19.51
C LYS B 89 -24.46 44.21 -18.37
N ALA B 90 -23.33 44.43 -17.71
CA ALA B 90 -22.87 43.55 -16.63
C ALA B 90 -23.54 43.90 -15.31
N ASN B 91 -24.87 43.75 -15.29
CA ASN B 91 -25.63 43.96 -14.06
C ASN B 91 -25.23 42.95 -13.00
N ASN B 92 -25.08 41.69 -13.38
CA ASN B 92 -24.65 40.64 -12.47
C ASN B 92 -23.41 39.98 -13.05
N PRO B 93 -22.27 40.02 -12.35
CA PRO B 93 -21.07 39.36 -12.89
C PRO B 93 -21.25 37.88 -13.14
N TYR B 94 -22.09 37.20 -12.34
CA TYR B 94 -22.35 35.79 -12.58
C TYR B 94 -23.01 35.56 -13.93
N ILE B 95 -23.97 36.42 -14.30
CA ILE B 95 -24.59 36.32 -15.61
C ILE B 95 -23.61 36.66 -16.71
N LYS B 96 -22.72 37.64 -16.47
CA LYS B 96 -21.75 38.03 -17.49
C LYS B 96 -20.78 36.90 -17.80
N LEU B 97 -20.27 36.21 -16.77
CA LEU B 97 -19.34 35.12 -16.99
C LEU B 97 -19.99 33.97 -17.73
N ASN B 98 -21.23 33.62 -17.36
CA ASN B 98 -21.91 32.51 -18.03
C ASN B 98 -22.15 32.81 -19.49
N ALA B 99 -22.53 34.05 -19.82
CA ALA B 99 -22.73 34.42 -21.21
C ALA B 99 -21.44 34.32 -22.02
N LEU B 100 -20.32 34.68 -21.40
CA LEU B 100 -19.03 34.62 -22.10
C LEU B 100 -18.69 33.18 -22.51
N LEU B 101 -18.94 32.23 -21.61
CA LEU B 101 -18.64 30.83 -21.93
C LEU B 101 -19.57 30.29 -23.01
N TRP B 102 -20.83 30.75 -23.03
CA TRP B 102 -21.74 30.36 -24.10
C TRP B 102 -21.22 30.84 -25.44
N LEU B 103 -20.64 32.04 -25.48
CA LEU B 103 -20.02 32.54 -26.69
C LEU B 103 -18.72 31.83 -27.01
N SER B 104 -18.06 31.24 -26.00
CA SER B 104 -16.81 30.53 -26.23
C SER B 104 -17.00 29.21 -26.95
N ALA B 105 -18.24 28.75 -27.13
CA ALA B 105 -18.51 27.52 -27.84
C ALA B 105 -19.91 27.54 -28.46
N TYR B 109 -20.83 35.62 -31.34
CA TYR B 109 -19.95 36.70 -31.78
C TYR B 109 -18.56 36.56 -31.16
N LEU B 110 -17.94 35.40 -31.41
CA LEU B 110 -16.60 35.16 -30.86
C LEU B 110 -15.58 36.13 -31.45
N THR B 111 -15.66 36.39 -32.75
CA THR B 111 -14.71 37.31 -33.38
C THR B 111 -14.84 38.72 -32.81
N GLN B 112 -16.07 39.20 -32.66
CA GLN B 112 -16.28 40.54 -32.11
C GLN B 112 -15.76 40.64 -30.67
N LEU B 113 -16.03 39.61 -29.86
CA LEU B 113 -15.55 39.62 -28.49
C LEU B 113 -14.03 39.60 -28.44
N SER B 114 -13.40 38.77 -29.27
CA SER B 114 -11.95 38.71 -29.31
C SER B 114 -11.35 40.05 -29.74
N LYS B 115 -11.95 40.69 -30.74
CA LYS B 115 -11.45 41.99 -31.18
C LYS B 115 -11.61 43.06 -30.12
N LEU B 116 -12.76 43.07 -29.43
CA LEU B 116 -13.03 44.13 -28.47
C LEU B 116 -12.26 43.96 -27.18
N TRP B 117 -12.06 42.71 -26.72
CA TRP B 117 -11.44 42.45 -25.43
C TRP B 117 -9.93 42.25 -25.52
N GLY B 118 -9.35 42.38 -26.72
CA GLY B 118 -7.90 42.25 -26.84
C GLY B 118 -7.37 40.85 -26.67
N ILE B 119 -8.20 39.84 -26.85
CA ILE B 119 -7.77 38.46 -26.73
C ILE B 119 -7.78 37.81 -28.11
N SER B 120 -7.21 36.61 -28.19
CA SER B 120 -7.15 35.88 -29.45
C SER B 120 -8.49 35.18 -29.69
N GLU B 121 -8.55 34.35 -30.74
CA GLU B 121 -9.76 33.61 -31.09
C GLU B 121 -9.68 32.16 -30.65
N ASN B 122 -8.60 31.46 -31.00
CA ASN B 122 -8.44 30.08 -30.55
C ASN B 122 -8.35 30.00 -29.03
N GLU B 123 -7.61 30.93 -28.41
CA GLU B 123 -7.55 30.97 -26.96
C GLU B 123 -8.92 31.30 -26.37
N LEU B 124 -9.68 32.19 -27.01
CA LEU B 124 -11.01 32.53 -26.52
C LEU B 124 -11.93 31.33 -26.55
N LYS B 125 -11.92 30.57 -27.64
CA LYS B 125 -12.73 29.36 -27.71
C LYS B 125 -12.15 28.22 -26.89
N SER B 126 -10.90 28.36 -26.43
CA SER B 126 -10.32 27.38 -25.52
C SER B 126 -10.77 27.60 -24.07
N LEU B 127 -11.48 28.69 -23.79
CA LEU B 127 -12.00 28.91 -22.44
C LEU B 127 -13.18 28.00 -22.14
N SER B 128 -13.94 27.63 -23.17
CA SER B 128 -15.05 26.69 -22.98
C SER B 128 -14.55 25.32 -22.55
N GLN B 129 -13.43 24.88 -23.12
CA GLN B 129 -12.86 23.56 -22.85
C GLN B 129 -11.89 23.58 -21.69
N GLN B 130 -11.89 24.62 -20.87
CA GLN B 130 -10.98 24.74 -19.74
C GLN B 130 -11.76 24.61 -18.44
N GLN B 131 -11.24 23.80 -17.52
CA GLN B 131 -11.86 23.65 -16.21
C GLN B 131 -11.41 24.79 -15.31
N PRO B 132 -12.32 25.64 -14.84
CA PRO B 132 -11.90 26.81 -14.05
C PRO B 132 -11.39 26.40 -12.68
N LYS B 133 -10.51 27.25 -12.14
CA LYS B 133 -10.04 27.13 -10.77
C LYS B 133 -10.81 28.12 -9.90
N ILE B 134 -11.23 27.66 -8.72
CA ILE B 134 -12.14 28.41 -7.86
C ILE B 134 -11.36 28.94 -6.67
N GLY B 135 -11.52 30.23 -6.39
CA GLY B 135 -10.99 30.83 -5.19
C GLY B 135 -12.11 31.53 -4.43
N LEU B 136 -11.94 31.64 -3.12
CA LEU B 136 -12.93 32.23 -2.25
C LEU B 136 -12.41 33.54 -1.66
N PHE B 137 -13.22 34.58 -1.72
CA PHE B 137 -12.88 35.86 -1.11
C PHE B 137 -14.13 36.47 -0.50
N PRO B 138 -14.00 37.17 0.63
CA PRO B 138 -15.18 37.72 1.31
C PRO B 138 -15.80 38.87 0.53
N ALA B 139 -17.09 39.07 0.78
CA ALA B 139 -17.83 40.16 0.15
C ALA B 139 -17.51 41.50 0.81
N PHE B 147 -20.77 37.89 2.63
CA PHE B 147 -20.70 36.47 2.31
C PHE B 147 -19.31 36.10 1.78
N LEU B 148 -19.22 34.94 1.14
CA LEU B 148 -17.97 34.42 0.58
C LEU B 148 -18.16 34.27 -0.93
N ALA B 149 -17.87 35.34 -1.66
CA ALA B 149 -17.96 35.30 -3.11
C ALA B 149 -16.80 34.51 -3.71
N LYS B 150 -16.93 34.18 -4.99
CA LYS B 150 -16.01 33.30 -5.67
C LYS B 150 -15.36 33.99 -6.87
N VAL B 151 -14.11 33.62 -7.12
CA VAL B 151 -13.37 34.04 -8.31
C VAL B 151 -13.11 32.79 -9.14
N PHE B 152 -13.44 32.85 -10.42
CA PHE B 152 -13.28 31.73 -11.34
C PHE B 152 -12.19 32.06 -12.34
N VAL B 153 -11.23 31.15 -12.48
CA VAL B 153 -10.10 31.33 -13.38
C VAL B 153 -10.24 30.36 -14.54
N TYR B 154 -10.21 30.87 -15.76
CA TYR B 154 -10.29 30.06 -16.96
C TYR B 154 -9.00 30.20 -17.75
N LYS B 155 -8.51 29.08 -18.27
CA LYS B 155 -7.21 29.05 -18.92
C LYS B 155 -7.21 29.89 -20.19
N LEU B 156 -6.12 30.62 -20.40
CA LEU B 156 -5.95 31.44 -21.59
C LEU B 156 -4.48 31.41 -22.00
N LYS B 157 -4.23 31.29 -23.30
CA LYS B 157 -2.89 31.27 -23.84
C LYS B 157 -2.72 32.48 -24.76
N SER B 158 -1.76 33.33 -24.45
CA SER B 158 -1.50 34.52 -25.26
C SER B 158 -0.06 34.95 -25.05
N GLU B 159 0.44 35.76 -25.99
CA GLU B 159 1.80 36.27 -25.89
C GLU B 159 1.88 37.39 -24.85
N GLU B 160 1.14 38.47 -25.08
CA GLU B 160 1.09 39.55 -24.11
C GLU B 160 0.28 39.11 -22.90
N PRO B 161 0.71 39.47 -21.69
CA PRO B 161 -0.05 39.09 -20.49
C PRO B 161 -1.38 39.82 -20.40
N ILE B 162 -2.48 39.09 -20.49
CA ILE B 162 -3.82 39.65 -20.48
C ILE B 162 -4.64 38.87 -19.45
N ALA B 163 -4.73 39.42 -18.24
CA ALA B 163 -5.57 38.83 -17.19
C ALA B 163 -6.93 39.52 -17.22
N LEU B 164 -7.73 39.15 -18.22
CA LEU B 164 -9.03 39.77 -18.41
C LEU B 164 -9.95 39.40 -17.25
N ALA B 165 -10.37 40.40 -16.49
CA ALA B 165 -11.28 40.22 -15.36
C ALA B 165 -12.64 40.80 -15.71
N ILE B 166 -13.66 39.96 -15.69
CA ILE B 166 -15.02 40.38 -15.99
C ILE B 166 -15.67 40.84 -14.69
N LEU B 167 -15.97 42.13 -14.60
CA LEU B 167 -16.56 42.72 -13.41
C LEU B 167 -17.90 43.35 -13.76
N GLY B 168 -18.65 43.73 -12.72
CA GLY B 168 -19.94 44.36 -12.93
C GLY B 168 -19.83 45.71 -13.62
N ASP B 169 -18.77 46.46 -13.33
CA ASP B 169 -18.57 47.77 -13.94
C ASP B 169 -18.14 47.63 -15.40
N LYS B 170 -16.99 47.01 -15.62
CA LYS B 170 -16.46 46.80 -16.96
C LYS B 170 -15.37 45.73 -16.92
N ILE B 171 -15.17 45.06 -18.05
CA ILE B 171 -14.09 44.09 -18.15
C ILE B 171 -12.76 44.83 -18.19
N GLU B 172 -11.88 44.51 -17.26
CA GLU B 172 -10.59 45.18 -17.16
C GLU B 172 -9.47 44.15 -17.19
N ASN B 173 -8.32 44.58 -17.70
CA ASN B 173 -7.15 43.71 -17.86
C ASN B 173 -6.08 44.18 -16.88
N PHE B 174 -6.03 43.53 -15.71
CA PHE B 174 -4.97 43.81 -14.75
C PHE B 174 -3.74 43.01 -15.14
N SER B 175 -3.00 43.50 -16.13
CA SER B 175 -1.91 42.77 -16.75
C SER B 175 -0.87 42.30 -15.75
N TYR B 176 -0.68 43.06 -14.67
CA TYR B 176 0.29 42.67 -13.65
C TYR B 176 -0.11 41.36 -13.00
N LEU B 177 -1.42 41.10 -12.91
CA LEU B 177 -1.89 39.87 -12.29
C LEU B 177 -1.45 38.65 -13.07
N ALA B 178 -1.55 38.71 -14.41
CA ALA B 178 -1.12 37.58 -15.23
C ALA B 178 0.37 37.34 -15.09
N GLN B 179 1.18 38.41 -15.09
CA GLN B 179 2.62 38.26 -14.93
C GLN B 179 2.97 37.66 -13.58
N LEU B 180 2.30 38.14 -12.52
CA LEU B 180 2.57 37.61 -11.18
C LEU B 180 2.17 36.15 -11.07
N GLY B 181 1.02 35.78 -11.63
CA GLY B 181 0.54 34.41 -11.58
C GLY B 181 1.17 33.47 -12.58
N LYS B 182 2.01 33.99 -13.48
CA LYS B 182 2.74 33.19 -14.47
C LYS B 182 1.81 32.45 -15.42
N GLN B 183 0.58 32.93 -15.60
CA GLN B 183 -0.34 32.31 -16.55
C GLN B 183 -1.41 33.32 -16.93
N ASN B 184 -1.63 33.48 -18.23
CA ASN B 184 -2.75 34.27 -18.71
C ASN B 184 -4.05 33.58 -18.34
N CYS B 185 -5.04 34.38 -17.90
CA CYS B 185 -6.27 33.80 -17.38
C CYS B 185 -7.42 34.76 -17.61
N LEU B 186 -8.63 34.20 -17.60
CA LEU B 186 -9.87 34.97 -17.64
C LEU B 186 -10.54 34.85 -16.29
N ILE B 187 -10.91 36.00 -15.71
CA ILE B 187 -11.42 36.08 -14.34
C ILE B 187 -12.91 36.36 -14.39
N GLY B 188 -13.69 35.45 -13.81
CA GLY B 188 -15.13 35.64 -13.68
C GLY B 188 -15.56 35.67 -12.22
N PHE B 189 -16.77 36.16 -11.95
CA PHE B 189 -17.24 36.31 -10.58
C PHE B 189 -18.66 35.75 -10.47
N ASN B 190 -19.21 35.82 -9.25
CA ASN B 190 -20.56 35.35 -8.98
C ASN B 190 -21.48 36.42 -8.44
N LYS B 191 -20.97 37.56 -8.01
CA LYS B 191 -21.80 38.61 -7.42
C LYS B 191 -21.17 39.97 -7.69
N ASN B 192 -21.99 41.00 -7.60
CA ASN B 192 -21.54 42.38 -7.79
C ASN B 192 -20.72 42.80 -6.58
N ILE B 193 -19.40 42.68 -6.68
CA ILE B 193 -18.48 43.00 -5.58
C ILE B 193 -17.73 44.27 -5.94
N GLN B 194 -17.70 45.21 -5.00
CA GLN B 194 -16.99 46.47 -5.18
C GLN B 194 -15.55 46.34 -4.66
N GLY B 195 -14.70 47.23 -5.14
CA GLY B 195 -13.31 47.24 -4.74
C GLY B 195 -12.48 46.21 -5.47
N ASN B 196 -11.21 46.14 -5.08
CA ASN B 196 -10.25 45.21 -5.67
C ASN B 196 -9.73 44.21 -4.65
N SER B 197 -10.56 43.87 -3.65
CA SER B 197 -10.14 42.94 -2.61
C SER B 197 -9.99 41.51 -3.11
N TRP B 198 -10.43 41.23 -4.33
CA TRP B 198 -10.37 39.89 -4.89
C TRP B 198 -9.04 39.57 -5.57
N GLN B 199 -8.07 40.48 -5.51
CA GLN B 199 -6.78 40.22 -6.13
C GLN B 199 -6.10 39.00 -5.53
N LEU B 200 -6.12 38.91 -4.20
CA LEU B 200 -5.35 37.86 -3.52
C LEU B 200 -5.87 36.47 -3.84
N ALA B 201 -7.20 36.30 -3.92
CA ALA B 201 -7.75 34.99 -4.20
C ALA B 201 -7.35 34.51 -5.59
N VAL B 202 -7.47 35.39 -6.58
CA VAL B 202 -7.09 35.03 -7.95
C VAL B 202 -5.59 34.74 -8.03
N LEU B 203 -4.78 35.56 -7.38
CA LEU B 203 -3.34 35.35 -7.42
C LEU B 203 -2.96 34.03 -6.76
N ALA B 204 -3.58 33.72 -5.62
CA ALA B 204 -3.28 32.47 -4.93
C ALA B 204 -3.71 31.26 -5.75
N THR B 205 -4.89 31.31 -6.37
CA THR B 205 -5.30 30.20 -7.21
C THR B 205 -4.46 30.10 -8.49
N LEU B 206 -3.81 31.20 -8.87
CA LEU B 206 -2.88 31.14 -9.99
C LEU B 206 -1.56 30.48 -9.60
N LEU B 207 -1.07 30.76 -8.39
CA LEU B 207 0.24 30.26 -7.98
C LEU B 207 0.20 28.83 -7.44
N VAL B 208 -0.98 28.22 -7.36
CA VAL B 208 -1.05 26.85 -6.85
C VAL B 208 -0.47 25.88 -7.87
N LYS B 209 0.13 24.80 -7.37
CA LYS B 209 0.70 23.76 -8.22
C LYS B 209 -0.09 22.46 -8.16
N ASP B 210 -0.38 21.96 -6.96
CA ASP B 210 -1.19 20.77 -6.81
C ASP B 210 -2.63 21.04 -7.24
N GLU B 211 -3.25 20.02 -7.84
CA GLU B 211 -4.62 20.12 -8.32
C GLU B 211 -5.56 19.68 -7.21
N LYS B 212 -6.09 20.66 -6.47
CA LYS B 212 -7.03 20.38 -5.39
C LYS B 212 -7.88 21.61 -5.14
N ILE B 213 -9.10 21.39 -4.65
CA ILE B 213 -10.00 22.50 -4.35
C ILE B 213 -9.51 23.23 -3.11
N ILE B 214 -9.45 24.56 -3.20
CA ILE B 214 -8.94 25.38 -2.12
C ILE B 214 -10.08 26.07 -1.36
N SER B 215 -11.29 25.49 -1.40
CA SER B 215 -12.44 26.12 -0.77
C SER B 215 -12.28 26.23 0.75
N LYS B 216 -11.36 25.46 1.34
CA LYS B 216 -11.14 25.53 2.78
C LYS B 216 -10.48 26.85 3.19
N ILE B 217 -9.90 27.59 2.26
CA ILE B 217 -9.14 28.80 2.55
C ILE B 217 -9.71 29.95 1.74
N ALA B 218 -9.88 31.10 2.38
CA ALA B 218 -10.32 32.32 1.71
C ALA B 218 -9.23 33.38 1.85
N TYR B 219 -9.17 34.29 0.88
CA TYR B 219 -8.19 35.35 0.86
C TYR B 219 -8.88 36.69 0.60
N SER B 220 -8.22 37.76 1.03
CA SER B 220 -8.73 39.10 0.80
C SER B 220 -7.56 40.08 0.74
N GLY B 221 -7.57 40.96 -0.24
CA GLY B 221 -6.55 41.97 -0.36
C GLY B 221 -6.45 42.51 -1.76
N ILE B 222 -5.73 43.62 -1.88
CA ILE B 222 -5.48 44.29 -3.15
C ILE B 222 -4.01 44.10 -3.49
N VAL B 223 -3.74 43.50 -4.65
CA VAL B 223 -2.38 43.23 -5.08
C VAL B 223 -1.94 44.33 -6.04
N LEU B 224 -0.93 45.09 -5.64
CA LEU B 224 -0.36 46.14 -6.45
C LEU B 224 0.61 45.56 -7.48
N PRO B 225 0.84 46.26 -8.59
CA PRO B 225 1.59 45.65 -9.71
C PRO B 225 3.00 45.20 -9.34
N SER B 226 3.70 45.93 -8.48
CA SER B 226 5.09 45.59 -8.18
C SER B 226 5.23 44.29 -7.40
N GLY B 227 4.15 43.73 -6.90
CA GLY B 227 4.21 42.44 -6.23
C GLY B 227 3.96 42.51 -4.74
N GLU B 228 3.09 43.41 -4.31
CA GLU B 228 2.72 43.54 -2.91
C GLU B 228 1.20 43.53 -2.80
N ILE B 229 0.72 43.14 -1.63
CA ILE B 229 -0.71 42.99 -1.35
C ILE B 229 -1.12 44.04 -0.32
N ILE B 230 -2.24 44.70 -0.57
CA ILE B 230 -2.75 45.76 0.29
C ILE B 230 -4.01 45.25 0.97
N THR B 231 -4.09 45.43 2.29
CA THR B 231 -5.24 44.96 3.04
C THR B 231 -6.50 45.69 2.64
N ALA B 232 -7.63 44.98 2.70
CA ALA B 232 -8.92 45.56 2.37
C ALA B 232 -9.37 46.53 3.46
N ASN B 244 -11.68 30.11 7.54
CA ASN B 244 -10.37 30.76 7.62
C ASN B 244 -10.21 31.82 6.54
N LEU B 245 -9.80 33.01 6.96
CA LEU B 245 -9.58 34.14 6.06
C LEU B 245 -8.12 34.54 6.11
N VAL B 246 -7.52 34.74 4.94
CA VAL B 246 -6.12 35.11 4.82
C VAL B 246 -6.07 36.55 4.32
N HIS B 247 -5.80 37.48 5.23
CA HIS B 247 -5.68 38.88 4.85
C HIS B 247 -4.51 39.57 5.54
N ARG B 248 -3.61 38.82 6.18
CA ARG B 248 -2.42 39.38 6.82
C ARG B 248 -1.19 39.21 5.94
N ILE B 249 -1.38 38.98 4.65
CA ILE B 249 -0.29 38.77 3.71
C ILE B 249 0.24 40.12 3.27
N LYS B 250 1.54 40.18 2.98
CA LYS B 250 2.17 41.42 2.55
C LYS B 250 3.09 41.27 1.35
N LYS B 251 3.61 40.07 1.07
CA LYS B 251 4.52 39.85 -0.05
C LYS B 251 4.05 38.65 -0.85
N ILE B 252 4.37 38.64 -2.14
CA ILE B 252 4.00 37.51 -2.99
C ILE B 252 4.88 36.29 -2.71
N GLU B 253 6.12 36.51 -2.24
CA GLU B 253 6.96 35.39 -1.86
C GLU B 253 6.38 34.64 -0.66
N GLN B 254 5.65 35.32 0.22
CA GLN B 254 4.95 34.63 1.30
C GLN B 254 3.84 33.74 0.75
N LEU B 255 2.99 34.30 -0.12
CA LEU B 255 1.87 33.56 -0.68
C LEU B 255 2.29 32.37 -1.52
N ASP B 256 3.34 32.50 -2.32
CA ASP B 256 3.79 31.39 -3.15
C ASP B 256 4.20 30.20 -2.29
N ALA B 257 4.97 30.46 -1.23
CA ALA B 257 5.44 29.39 -0.37
C ALA B 257 4.35 28.87 0.57
N TRP B 258 3.36 29.68 0.92
CA TRP B 258 2.28 29.20 1.78
C TRP B 258 1.31 28.27 1.05
N LEU B 259 1.38 28.18 -0.27
CA LEU B 259 0.59 27.23 -1.02
C LEU B 259 1.40 26.17 -1.75
N ASN B 260 2.68 26.42 -2.03
CA ASN B 260 3.47 25.51 -2.84
C ASN B 260 4.57 24.81 -2.05
N THR B 261 4.50 24.82 -0.72
CA THR B 261 5.41 24.04 0.11
C THR B 261 4.73 22.75 0.55
N GLU B 262 5.54 21.81 1.05
CA GLU B 262 5.03 20.55 1.56
C GLU B 262 5.27 20.36 3.04
N THR B 263 6.22 21.09 3.62
CA THR B 263 6.53 21.01 5.05
C THR B 263 6.17 22.35 5.69
N ILE B 264 5.11 22.34 6.49
CA ILE B 264 4.61 23.55 7.15
C ILE B 264 5.17 23.56 8.58
N PRO B 265 6.00 24.52 8.94
CA PRO B 265 6.54 24.55 10.31
C PRO B 265 5.44 24.82 11.32
N LEU B 266 5.44 24.05 12.40
CA LEU B 266 4.48 24.20 13.49
C LEU B 266 5.24 24.48 14.77
N PRO B 267 5.37 25.74 15.18
CA PRO B 267 6.16 26.06 16.38
C PRO B 267 5.31 25.89 17.63
N VAL B 268 5.73 24.96 18.49
CA VAL B 268 4.99 24.61 19.71
C VAL B 268 5.87 24.97 20.90
N ILE B 269 5.29 25.69 21.85
CA ILE B 269 6.01 26.19 23.02
C ILE B 269 5.31 25.70 24.27
N GLN B 270 6.08 25.16 25.21
CA GLN B 270 5.57 24.75 26.51
C GLN B 270 6.10 25.74 27.55
N TYR B 271 5.21 26.58 28.06
CA TYR B 271 5.57 27.58 29.05
C TYR B 271 4.55 27.58 30.19
N GLN B 272 5.03 27.81 31.41
CA GLN B 272 4.18 27.93 32.59
C GLN B 272 4.57 29.19 33.33
N GLY B 273 3.63 30.12 33.48
CA GLY B 273 3.91 31.38 34.14
C GLY B 273 3.00 32.51 33.70
N GLU B 274 3.58 33.64 33.32
CA GLU B 274 2.82 34.80 32.90
C GLU B 274 2.54 34.75 31.40
N GLU B 275 1.38 35.28 31.01
CA GLU B 275 0.97 35.24 29.61
C GLU B 275 1.88 36.11 28.74
N ASN B 276 2.37 37.23 29.27
CA ASN B 276 3.24 38.11 28.49
C ASN B 276 4.56 37.45 28.15
N GLU B 277 5.13 36.70 29.09
CA GLU B 277 6.36 35.98 28.81
C GLU B 277 6.14 34.92 27.74
N LEU B 278 5.00 34.23 27.78
CA LEU B 278 4.65 33.31 26.71
C LEU B 278 4.53 34.05 25.39
N LYS B 279 3.95 35.25 25.41
CA LYS B 279 3.77 36.01 24.18
C LYS B 279 5.11 36.36 23.54
N ARG B 280 6.05 36.90 24.32
CA ARG B 280 7.30 37.30 23.68
C ARG B 280 8.21 36.11 23.42
N TRP B 281 8.10 35.02 24.17
CA TRP B 281 8.79 33.79 23.79
C TRP B 281 8.25 33.26 22.46
N GLN B 282 6.94 33.32 22.27
CA GLN B 282 6.36 32.90 20.99
C GLN B 282 6.83 33.81 19.86
N LYS B 283 6.95 35.11 20.13
CA LYS B 283 7.46 36.02 19.10
C LYS B 283 8.90 35.69 18.72
N ALA B 284 9.76 35.46 19.71
CA ALA B 284 11.14 35.08 19.42
C ALA B 284 11.20 33.75 18.68
N MET B 285 10.31 32.82 19.02
CA MET B 285 10.30 31.52 18.38
C MET B 285 9.82 31.64 16.94
N GLU B 286 8.87 32.54 16.69
CA GLU B 286 8.46 32.86 15.33
C GLU B 286 9.62 33.43 14.53
N GLN B 287 10.39 34.33 15.14
CA GLN B 287 11.59 34.85 14.47
C GLN B 287 12.56 33.74 14.13
N LYS B 288 12.80 32.82 15.07
CA LYS B 288 13.73 31.72 14.84
C LYS B 288 13.24 30.80 13.73
N VAL B 289 11.93 30.54 13.68
CA VAL B 289 11.38 29.75 12.59
C VAL B 289 11.55 30.49 11.27
N GLN B 290 11.32 31.80 11.26
CA GLN B 290 11.51 32.60 10.05
C GLN B 290 12.96 32.63 9.61
N GLU B 291 13.90 32.39 10.52
CA GLU B 291 15.30 32.31 10.12
C GLU B 291 15.53 31.27 9.03
N LYS B 292 14.75 30.19 9.05
CA LYS B 292 14.82 29.16 8.01
C LYS B 292 13.65 29.25 7.03
N PHE B 293 12.45 29.55 7.50
CA PHE B 293 11.27 29.70 6.65
C PHE B 293 10.86 31.17 6.72
N SER B 294 11.45 31.99 5.85
CA SER B 294 11.19 33.43 5.86
C SER B 294 9.76 33.76 5.47
N TRP B 295 9.02 32.82 4.91
CA TRP B 295 7.64 33.03 4.51
C TRP B 295 6.64 32.72 5.64
N PHE B 296 7.12 32.31 6.80
CA PHE B 296 6.24 31.92 7.89
C PHE B 296 5.90 33.10 8.77
N SER B 297 4.71 33.06 9.36
CA SER B 297 4.28 34.05 10.32
C SER B 297 3.14 33.47 11.15
N TYR B 298 3.09 33.85 12.43
CA TYR B 298 2.01 33.40 13.29
C TYR B 298 0.65 33.88 12.78
N GLU B 299 0.58 35.15 12.35
CA GLU B 299 -0.65 35.64 11.76
C GLU B 299 -1.00 34.88 10.49
N LEU B 300 0.00 34.61 9.65
CA LEU B 300 -0.25 33.82 8.45
C LEU B 300 -0.68 32.40 8.78
N LEU B 301 -0.05 31.79 9.80
CA LEU B 301 -0.45 30.44 10.19
C LEU B 301 -1.88 30.41 10.69
N GLU B 302 -2.27 31.40 11.51
CA GLU B 302 -3.65 31.48 11.97
C GLU B 302 -4.61 31.71 10.80
N ASP B 303 -4.19 32.52 9.83
CA ASP B 303 -5.04 32.78 8.67
C ASP B 303 -5.26 31.53 7.84
N PHE B 304 -4.21 30.74 7.64
CA PHE B 304 -4.29 29.61 6.71
C PHE B 304 -4.93 28.39 7.34
N TYR B 305 -4.80 28.21 8.66
CA TYR B 305 -5.31 27.00 9.30
C TYR B 305 -6.07 27.24 10.60
N GLY B 306 -6.13 28.48 11.09
CA GLY B 306 -6.79 28.72 12.36
C GLY B 306 -5.98 28.30 13.57
N ILE B 307 -4.70 27.96 13.39
CA ILE B 307 -3.84 27.52 14.48
C ILE B 307 -3.36 28.76 15.21
N THR B 308 -4.04 29.11 16.31
CA THR B 308 -3.71 30.30 17.07
C THR B 308 -2.48 30.03 17.94
N ASN B 309 -2.01 31.07 18.63
CA ASN B 309 -0.92 30.91 19.57
C ASN B 309 -1.31 29.98 20.71
N SER B 310 -2.55 30.10 21.20
CA SER B 310 -3.04 29.19 22.23
C SER B 310 -3.11 27.76 21.72
N ASP B 311 -3.37 27.58 20.43
CA ASP B 311 -3.38 26.25 19.84
C ASP B 311 -1.99 25.63 19.74
N LEU B 312 -0.94 26.43 19.90
CA LEU B 312 0.43 25.94 19.84
C LEU B 312 1.14 26.01 21.18
N ALA B 313 0.48 26.47 22.23
CA ALA B 313 1.13 26.72 23.51
C ALA B 313 0.64 25.71 24.55
N ILE B 314 1.59 25.08 25.24
CA ILE B 314 1.29 24.26 26.40
C ILE B 314 1.40 25.19 27.60
N PHE B 315 0.30 25.87 27.92
CA PHE B 315 0.29 26.96 28.87
C PHE B 315 -0.41 26.55 30.16
N GLY B 316 -0.49 27.51 31.07
CA GLY B 316 -1.08 27.33 32.39
C GLY B 316 -0.54 28.37 33.34
N ASN B 317 -1.41 29.00 34.11
CA ASN B 317 -1.01 30.13 34.94
C ASN B 317 -0.33 29.66 36.22
N GLY B 318 0.67 30.42 36.66
CA GLY B 318 1.31 30.18 37.93
C GLY B 318 2.23 28.99 37.92
N ILE B 319 2.78 28.69 39.09
CA ILE B 319 3.68 27.56 39.27
C ILE B 319 2.86 26.28 39.31
N LEU B 320 3.31 25.28 38.57
CA LEU B 320 2.63 23.98 38.57
C LEU B 320 2.82 23.31 39.93
N PRO B 321 1.76 22.76 40.52
CA PRO B 321 1.91 22.12 41.84
C PRO B 321 2.72 20.84 41.74
N PHE B 322 3.36 20.48 42.85
CA PHE B 322 4.12 19.25 42.92
C PHE B 322 3.23 18.01 42.93
N GLU B 323 1.92 18.17 43.07
CA GLU B 323 1.03 17.02 43.05
C GLU B 323 1.10 16.32 41.70
N ALA B 324 1.19 14.99 41.74
CA ALA B 324 1.35 14.22 40.52
C ALA B 324 0.11 14.30 39.64
N ASN B 325 -1.07 14.40 40.24
CA ASN B 325 -2.29 14.49 39.44
C ASN B 325 -2.34 15.79 38.64
N ALA B 326 -1.68 16.84 39.13
CA ALA B 326 -1.65 18.10 38.39
C ALA B 326 -0.91 17.96 37.07
N TRP B 327 0.27 17.33 37.11
CA TRP B 327 1.04 17.14 35.88
C TRP B 327 0.32 16.21 34.91
N GLN B 328 -0.29 15.14 35.42
CA GLN B 328 -1.06 14.23 34.56
C GLN B 328 -2.24 14.96 33.94
N LYS B 329 -2.92 15.81 34.71
CA LYS B 329 -4.03 16.59 34.18
C LYS B 329 -3.55 17.55 33.09
N LEU B 330 -2.39 18.19 33.31
CA LEU B 330 -1.84 19.07 32.30
C LEU B 330 -1.50 18.31 31.03
N LEU B 331 -0.90 17.13 31.17
CA LEU B 331 -0.55 16.33 29.99
C LEU B 331 -1.79 15.88 29.23
N GLN B 332 -2.81 15.41 29.95
CA GLN B 332 -3.99 14.86 29.29
C GLN B 332 -4.90 15.94 28.73
N GLU B 333 -4.90 17.14 29.33
CA GLU B 333 -5.76 18.21 28.84
C GLU B 333 -5.22 18.82 27.55
N GLN B 334 -3.91 19.08 27.49
CA GLN B 334 -3.31 19.81 26.40
C GLN B 334 -2.31 18.98 25.60
N VAL B 335 -1.33 18.38 26.27
CA VAL B 335 -0.20 17.75 25.56
C VAL B 335 -0.65 16.51 24.80
N LYS B 336 -1.59 15.75 25.37
CA LYS B 336 -1.89 14.42 24.84
C LYS B 336 -2.41 14.48 23.41
N ASP B 337 -3.33 15.39 23.11
CA ASP B 337 -3.99 15.43 21.82
C ASP B 337 -3.53 16.59 20.94
N LYS B 338 -2.64 17.45 21.43
CA LYS B 338 -2.27 18.65 20.69
C LYS B 338 -1.63 18.31 19.35
N PHE B 339 -0.63 17.42 19.37
CA PHE B 339 0.10 17.11 18.15
C PHE B 339 -0.81 16.44 17.12
N LYS B 340 -1.64 15.49 17.55
CA LYS B 340 -2.52 14.82 16.60
C LYS B 340 -3.56 15.79 16.03
N LEU B 341 -4.10 16.69 16.86
CA LEU B 341 -5.06 17.66 16.35
C LEU B 341 -4.41 18.61 15.35
N LEU B 342 -3.21 19.11 15.68
CA LEU B 342 -2.53 20.03 14.77
C LEU B 342 -2.16 19.36 13.47
N GLU B 343 -1.67 18.12 13.52
CA GLU B 343 -1.36 17.40 12.29
C GLU B 343 -2.62 17.08 11.49
N ASP B 344 -3.75 16.90 12.17
CA ASP B 344 -5.02 16.76 11.45
C ASP B 344 -5.39 18.05 10.75
N LYS B 345 -5.16 19.19 11.40
CA LYS B 345 -5.49 20.47 10.78
C LYS B 345 -4.62 20.73 9.55
N VAL B 346 -3.33 20.43 9.63
CA VAL B 346 -2.45 20.48 8.45
C VAL B 346 -2.53 19.09 7.82
N MET B 347 -3.59 18.88 7.04
CA MET B 347 -3.94 17.52 6.64
C MET B 347 -3.04 16.99 5.53
N PRO B 348 -2.97 17.64 4.35
CA PRO B 348 -2.21 17.02 3.25
C PRO B 348 -0.71 17.20 3.39
N LYS B 349 -0.29 18.35 3.89
CA LYS B 349 1.12 18.68 3.95
C LYS B 349 1.78 18.06 5.18
N LYS B 350 3.05 17.72 5.04
CA LYS B 350 3.82 17.24 6.17
C LYS B 350 4.12 18.41 7.11
N VAL B 351 4.53 18.07 8.33
CA VAL B 351 4.76 19.05 9.38
C VAL B 351 6.21 18.93 9.85
N LEU B 352 6.92 20.05 9.87
CA LEU B 352 8.24 20.15 10.49
C LEU B 352 8.02 20.82 11.84
N TRP B 353 7.87 20.02 12.87
CA TRP B 353 7.64 20.54 14.21
C TRP B 353 8.86 21.32 14.68
N PHE B 354 8.60 22.45 15.35
CA PHE B 354 9.62 23.19 16.08
C PHE B 354 9.19 23.22 17.53
N TYR B 355 10.03 22.70 18.41
CA TYR B 355 9.63 22.54 19.80
C TYR B 355 10.62 23.23 20.74
N ALA B 356 10.09 24.01 21.67
CA ALA B 356 10.83 24.56 22.79
C ALA B 356 10.00 24.39 24.05
N GLY B 357 10.65 23.99 25.15
CA GLY B 357 9.98 23.77 26.41
C GLY B 357 10.64 24.55 27.53
N GLN B 358 9.99 24.54 28.69
CA GLN B 358 10.46 25.28 29.85
C GLN B 358 10.88 24.38 30.99
N ILE B 359 10.00 23.51 31.47
CA ILE B 359 10.29 22.63 32.60
C ILE B 359 10.95 21.36 32.08
N SER B 360 12.12 21.02 32.64
CA SER B 360 12.92 19.94 32.10
C SER B 360 12.21 18.59 32.23
N THR B 361 11.72 18.27 33.43
CA THR B 361 11.18 16.94 33.69
C THR B 361 9.94 16.67 32.84
N LEU B 362 9.08 17.68 32.68
CA LEU B 362 7.84 17.48 31.95
C LEU B 362 8.09 17.03 30.51
N GLN B 363 9.21 17.45 29.92
CA GLN B 363 9.48 17.14 28.52
C GLN B 363 9.54 15.64 28.29
N LEU B 364 10.13 14.89 29.23
CA LEU B 364 10.17 13.44 29.10
C LEU B 364 8.78 12.86 28.89
N GLY B 365 7.79 13.40 29.58
CA GLY B 365 6.41 13.03 29.28
C GLY B 365 5.97 13.55 27.92
N ILE B 366 6.20 14.84 27.67
CA ILE B 366 5.79 15.45 26.41
C ILE B 366 6.43 14.74 25.24
N GLY B 367 7.74 14.50 25.32
CA GLY B 367 8.41 13.76 24.28
C GLY B 367 7.80 12.38 24.07
N ALA B 368 7.41 11.73 25.17
CA ALA B 368 6.75 10.43 25.05
C ALA B 368 5.45 10.55 24.26
N LEU B 369 4.70 11.63 24.50
CA LEU B 369 3.50 11.87 23.71
C LEU B 369 3.87 12.36 22.31
N PHE B 370 5.03 13.00 22.16
CA PHE B 370 5.47 13.44 20.85
C PHE B 370 5.92 12.26 19.99
N GLY B 371 6.72 11.36 20.56
CA GLY B 371 7.13 10.17 19.86
C GLY B 371 8.29 10.42 18.90
N PHE B 372 8.79 9.33 18.33
CA PHE B 372 9.88 9.37 17.36
C PHE B 372 9.39 9.47 15.93
N LYS B 373 8.09 9.45 15.69
CA LYS B 373 7.53 9.47 14.36
C LYS B 373 7.32 10.88 13.81
N ARG B 374 7.95 11.88 14.42
CA ARG B 374 7.77 13.26 14.03
C ARG B 374 9.12 13.91 13.79
N ALA B 375 9.27 14.57 12.64
CA ALA B 375 10.48 15.33 12.34
C ALA B 375 10.43 16.62 13.13
N VAL B 376 11.44 16.87 13.95
CA VAL B 376 11.40 17.95 14.91
C VAL B 376 12.72 18.69 14.96
N SER B 377 12.65 20.01 15.03
CA SER B 377 13.77 20.86 15.43
C SER B 377 13.53 21.24 16.89
N ILE B 378 14.36 20.71 17.77
CA ILE B 378 14.24 20.96 19.21
C ILE B 378 15.23 22.05 19.58
N LEU B 379 14.72 23.14 20.14
CA LEU B 379 15.48 24.36 20.38
C LEU B 379 15.60 24.62 21.87
N GLN B 380 16.76 25.12 22.29
CA GLN B 380 17.01 25.38 23.70
C GLN B 380 16.59 26.81 24.07
N MET B 381 16.26 26.97 25.35
CA MET B 381 15.87 28.26 25.92
C MET B 381 17.09 29.04 26.34
N GLU B 382 17.10 30.35 26.03
CA GLU B 382 18.15 31.27 26.44
C GLU B 382 17.52 32.43 27.19
N PHE B 383 17.74 32.49 28.51
CA PHE B 383 17.15 33.54 29.31
C PHE B 383 17.87 34.87 29.17
N SER B 384 19.20 34.85 29.00
CA SER B 384 19.96 36.08 28.91
C SER B 384 19.53 36.92 27.70
N ASN B 385 19.71 36.36 26.51
CA ASN B 385 19.19 36.96 25.27
C ASN B 385 18.05 36.10 24.77
N THR B 386 16.89 36.71 24.55
CA THR B 386 15.72 35.93 24.17
C THR B 386 15.86 35.49 22.72
N THR B 387 16.69 34.46 22.49
CA THR B 387 16.88 33.88 21.18
C THR B 387 16.95 32.38 21.32
N TYR B 388 16.46 31.68 20.31
CA TYR B 388 16.39 30.22 20.33
C TYR B 388 17.53 29.62 19.51
N HIS B 389 18.18 28.61 20.09
CA HIS B 389 19.24 27.87 19.43
C HIS B 389 18.77 26.44 19.21
N GLU B 390 18.69 26.03 17.96
CA GLU B 390 18.29 24.66 17.65
C GLU B 390 19.43 23.71 18.00
N VAL B 391 19.14 22.75 18.87
CA VAL B 391 20.15 21.79 19.31
C VAL B 391 19.85 20.37 18.87
N PHE B 392 18.62 20.06 18.46
CA PHE B 392 18.31 18.74 17.94
C PHE B 392 17.66 18.87 16.57
N ILE B 393 18.26 18.21 15.58
CA ILE B 393 17.77 18.21 14.21
C ILE B 393 17.33 16.79 13.89
N LEU B 394 16.03 16.57 13.71
CA LEU B 394 15.50 15.26 13.38
C LEU B 394 14.74 15.31 12.07
N TYR B 395 15.27 16.05 11.10
CA TYR B 395 14.66 16.18 9.79
C TYR B 395 15.75 16.32 8.75
N GLY B 396 15.42 15.94 7.52
CA GLY B 396 16.36 16.06 6.42
C GLY B 396 16.65 14.76 5.70
N LYS B 397 17.93 14.42 5.57
CA LYS B 397 18.36 13.24 4.81
C LYS B 397 18.57 12.08 5.78
N GLU B 398 17.44 11.46 6.18
CA GLU B 398 17.44 10.31 7.07
C GLU B 398 18.13 10.61 8.39
N ASN B 399 18.01 11.84 8.87
CA ASN B 399 18.63 12.23 10.14
C ASN B 399 17.81 11.81 11.34
N ALA B 400 16.54 11.42 11.16
CA ALA B 400 15.71 11.08 12.31
C ALA B 400 16.22 9.83 13.01
N ARG B 401 16.44 8.74 12.28
CA ARG B 401 16.78 7.47 12.89
C ARG B 401 18.04 7.54 13.73
N GLN B 402 18.90 8.51 13.46
CA GLN B 402 20.16 8.62 14.18
C GLN B 402 19.96 8.84 15.67
N LEU B 403 18.79 9.32 16.10
CA LEU B 403 18.61 9.52 17.54
C LEU B 403 18.50 8.19 18.27
N LYS B 404 18.10 7.12 17.55
CA LYS B 404 17.92 5.81 18.16
C LYS B 404 19.13 4.90 17.94
N ASN B 405 20.25 5.46 17.49
CA ASN B 405 21.47 4.68 17.34
C ASN B 405 22.00 4.32 18.72
N VAL B 406 22.08 3.03 19.00
CA VAL B 406 22.54 2.55 20.30
C VAL B 406 23.78 1.69 20.11
N SER B 407 24.53 1.97 19.05
CA SER B 407 25.70 1.18 18.70
C SER B 407 26.96 1.66 19.39
N VAL B 408 26.89 2.71 20.19
CA VAL B 408 28.08 3.26 20.84
C VAL B 408 28.42 2.39 22.05
N LYS B 409 29.61 1.80 22.04
CA LYS B 409 30.07 1.01 23.17
C LYS B 409 30.62 1.91 24.27
N LYS B 410 30.87 1.31 25.43
CA LYS B 410 31.40 2.08 26.55
C LYS B 410 32.79 2.63 26.26
N GLU B 411 33.60 1.86 25.52
CA GLU B 411 34.97 2.29 25.26
C GLU B 411 35.02 3.56 24.41
N ASP B 412 34.21 3.63 23.36
CA ASP B 412 34.19 4.79 22.47
C ASP B 412 33.12 5.80 22.88
N TYR B 413 33.13 6.20 24.15
CA TYR B 413 32.23 7.22 24.65
C TYR B 413 32.96 8.55 24.67
N GLN B 414 32.48 9.50 23.87
CA GLN B 414 33.15 10.78 23.73
C GLN B 414 32.49 11.91 24.53
N TYR B 415 31.26 11.72 24.99
CA TYR B 415 30.53 12.80 25.65
C TYR B 415 30.14 12.47 27.08
N ILE B 416 29.58 11.29 27.34
CA ILE B 416 29.10 10.96 28.67
C ILE B 416 29.90 9.79 29.23
N GLN B 417 29.80 9.65 30.55
CA GLN B 417 30.35 8.52 31.29
C GLN B 417 29.23 7.85 32.06
N SER B 418 29.17 6.52 31.98
CA SER B 418 28.12 5.73 32.61
C SER B 418 28.71 4.84 33.68
N GLU B 419 28.03 4.78 34.82
CA GLU B 419 28.41 3.89 35.92
C GLU B 419 27.18 3.07 36.28
N LEU B 420 27.25 1.77 36.03
CA LEU B 420 26.15 0.84 36.32
C LEU B 420 26.53 0.04 37.55
N LEU B 421 25.97 0.40 38.69
CA LEU B 421 26.24 -0.27 39.95
C LEU B 421 25.08 -1.21 40.25
N ILE B 422 25.40 -2.47 40.55
CA ILE B 422 24.41 -3.49 40.88
C ILE B 422 24.81 -4.13 42.20
N ASN B 423 23.95 -3.98 43.21
CA ASN B 423 24.18 -4.56 44.52
C ASN B 423 23.20 -5.65 44.89
N GLU B 424 22.02 -5.66 44.27
CA GLU B 424 20.99 -6.68 44.51
C GLU B 424 20.56 -7.22 43.15
N PRO B 425 21.34 -8.15 42.58
CA PRO B 425 21.01 -8.65 41.23
C PRO B 425 19.64 -9.31 41.14
N HIS B 426 19.13 -9.87 42.24
CA HIS B 426 17.83 -10.53 42.22
C HIS B 426 16.67 -9.55 42.14
N LYS B 427 16.91 -8.26 42.35
CA LYS B 427 15.86 -7.25 42.31
C LYS B 427 15.87 -6.57 40.94
N ASN B 428 14.73 -6.61 40.26
CA ASN B 428 14.61 -6.02 38.92
C ASN B 428 14.10 -4.59 38.99
N GLU B 429 14.77 -3.76 39.78
CA GLU B 429 14.43 -2.35 39.91
C GLU B 429 15.69 -1.52 39.73
N LEU B 430 15.63 -0.53 38.85
CA LEU B 430 16.79 0.28 38.50
C LEU B 430 16.50 1.75 38.72
N GLY B 431 17.48 2.45 39.29
CA GLY B 431 17.41 3.88 39.45
C GLY B 431 18.26 4.59 38.40
N PHE B 432 17.61 5.18 37.41
CA PHE B 432 18.28 5.84 36.29
C PHE B 432 18.50 7.30 36.68
N ILE B 433 19.74 7.62 37.08
CA ILE B 433 20.10 8.97 37.48
C ILE B 433 20.91 9.61 36.36
N ILE B 434 20.52 10.82 35.96
CA ILE B 434 21.15 11.53 34.86
C ILE B 434 21.54 12.91 35.35
N TYR B 435 22.81 13.28 35.16
CA TYR B 435 23.33 14.58 35.58
C TYR B 435 24.04 15.21 34.39
N LEU B 436 23.27 15.94 33.56
CA LEU B 436 23.84 16.68 32.45
C LEU B 436 23.45 18.16 32.52
N GLY B 437 23.08 18.64 33.70
CA GLY B 437 22.68 20.03 33.87
C GLY B 437 23.55 20.78 34.85
N SER B 438 22.92 21.52 35.77
CA SER B 438 23.64 22.37 36.72
C SER B 438 23.77 21.71 38.09
N HIS B 439 22.63 21.37 38.71
CA HIS B 439 22.65 20.77 40.04
C HIS B 439 22.90 19.27 39.95
N ASN B 440 23.67 18.76 40.91
CA ASN B 440 24.01 17.34 40.94
C ASN B 440 22.93 16.58 41.69
N PRO B 441 22.18 15.69 41.04
CA PRO B 441 21.11 14.95 41.73
C PRO B 441 21.50 13.55 42.21
N ILE B 442 22.77 13.17 42.11
CA ILE B 442 23.16 11.78 42.40
C ILE B 442 22.91 11.46 43.87
N GLY B 443 23.32 12.35 44.77
CA GLY B 443 23.12 12.09 46.19
C GLY B 443 21.65 12.03 46.58
N GLU B 444 20.87 13.01 46.11
CA GLU B 444 19.45 13.05 46.45
C GLU B 444 18.70 11.85 45.88
N ALA B 445 18.95 11.53 44.60
CA ALA B 445 18.27 10.38 44.00
C ALA B 445 18.70 9.07 44.64
N LYS B 446 19.98 8.94 44.98
CA LYS B 446 20.45 7.74 45.66
C LYS B 446 19.79 7.58 47.03
N ALA B 447 19.72 8.67 47.80
CA ALA B 447 19.05 8.61 49.09
C ALA B 447 17.57 8.28 48.94
N TYR B 448 16.92 8.86 47.93
CA TYR B 448 15.51 8.58 47.69
C TYR B 448 15.27 7.12 47.35
N CYS B 449 16.12 6.55 46.49
CA CYS B 449 15.93 5.16 46.08
C CYS B 449 16.32 4.19 47.19
N GLN B 450 17.25 4.57 48.06
CA GLN B 450 17.65 3.72 49.16
C GLN B 450 16.81 3.93 50.42
N LYS B 451 15.92 4.93 50.43
CA LYS B 451 15.10 5.20 51.59
C LYS B 451 13.61 5.15 51.33
N GLN B 452 13.15 5.50 50.13
CA GLN B 452 11.73 5.53 49.83
C GLN B 452 11.32 4.57 48.71
N LEU B 453 12.26 3.85 48.12
CA LEU B 453 11.95 2.85 47.11
C LEU B 453 12.69 1.54 47.31
N GLN B 454 13.68 1.47 48.20
CA GLN B 454 14.45 0.26 48.48
C GLN B 454 15.10 -0.28 47.20
N ILE B 455 15.95 0.55 46.60
CA ILE B 455 16.63 0.23 45.36
C ILE B 455 18.13 0.38 45.59
N ASN B 456 18.90 -0.63 45.17
CA ASN B 456 20.35 -0.58 45.25
C ASN B 456 21.02 -0.78 43.90
N ASN B 457 20.25 -0.89 42.82
CA ASN B 457 20.80 -0.96 41.47
C ASN B 457 20.61 0.39 40.80
N PHE B 458 21.73 1.04 40.47
CA PHE B 458 21.70 2.39 39.93
C PHE B 458 22.44 2.44 38.59
N LEU B 459 21.99 3.35 37.73
CA LEU B 459 22.64 3.64 36.47
C LEU B 459 22.84 5.15 36.42
N ILE B 460 24.06 5.60 36.70
CA ILE B 460 24.37 7.02 36.78
C ILE B 460 25.07 7.45 35.50
N ILE B 461 24.47 8.39 34.78
CA ILE B 461 25.01 8.89 33.52
C ILE B 461 25.34 10.36 33.71
N GLN B 462 26.63 10.71 33.57
CA GLN B 462 27.04 12.09 33.73
C GLN B 462 27.99 12.49 32.61
N ALA B 463 28.60 13.67 32.71
CA ALA B 463 29.48 14.16 31.67
C ALA B 463 30.92 13.71 31.92
N ARG B 464 31.71 13.70 30.85
CA ARG B 464 33.11 13.31 30.93
C ARG B 464 34.01 14.48 31.31
N GLU B 465 33.91 15.59 30.58
CA GLU B 465 34.72 16.77 30.84
C GLU B 465 33.94 18.04 30.58
N VAL B 469 27.31 23.92 30.91
CA VAL B 469 28.19 22.76 30.88
C VAL B 469 28.21 22.15 29.48
N MET B 470 27.09 22.27 28.78
CA MET B 470 26.95 21.75 27.43
C MET B 470 26.95 22.90 26.43
N GLU B 471 27.80 22.80 25.42
CA GLU B 471 27.90 23.83 24.39
C GLU B 471 26.62 23.86 23.56
N THR B 472 25.84 24.91 23.72
CA THR B 472 24.57 25.01 22.99
C THR B 472 24.78 25.08 21.49
N SER B 473 25.92 25.60 21.04
CA SER B 473 26.18 25.69 19.61
C SER B 473 26.30 24.31 18.97
N GLN B 474 26.97 23.38 19.65
CA GLN B 474 27.18 22.06 19.10
C GLN B 474 25.89 21.25 19.10
N ASN B 475 25.79 20.31 18.17
CA ASN B 475 24.65 19.40 18.13
C ASN B 475 24.68 18.47 19.33
N TRP B 476 23.51 18.25 19.92
CA TRP B 476 23.37 17.43 21.12
C TRP B 476 22.91 16.01 20.81
N LEU B 477 22.87 15.63 19.53
CA LEU B 477 22.49 14.27 19.17
C LEU B 477 23.42 13.20 19.77
N PRO B 478 24.75 13.35 19.77
CA PRO B 478 25.58 12.32 20.41
C PRO B 478 25.25 12.06 21.87
N TYR B 479 24.88 13.10 22.63
CA TYR B 479 24.49 12.88 24.02
C TYR B 479 23.34 11.89 24.12
N LEU B 480 22.27 12.13 23.36
CA LEU B 480 21.11 11.25 23.41
C LEU B 480 21.45 9.87 22.86
N GLN B 481 22.25 9.80 21.80
CA GLN B 481 22.64 8.51 21.25
C GLN B 481 23.37 7.67 22.29
N GLU B 482 24.33 8.28 22.98
CA GLU B 482 25.10 7.52 23.96
C GLU B 482 24.30 7.21 25.21
N ILE B 483 23.35 8.08 25.58
CA ILE B 483 22.47 7.77 26.70
C ILE B 483 21.63 6.54 26.38
N ASN B 484 21.02 6.52 25.20
CA ASN B 484 20.22 5.37 24.80
C ASN B 484 21.07 4.12 24.68
N SER B 485 22.30 4.26 24.16
CA SER B 485 23.19 3.11 24.03
C SER B 485 23.54 2.54 25.40
N ALA B 486 23.86 3.40 26.37
CA ALA B 486 24.15 2.93 27.72
C ALA B 486 22.95 2.25 28.34
N LEU B 487 21.76 2.83 28.17
CA LEU B 487 20.56 2.23 28.74
C LEU B 487 20.30 0.84 28.17
N ASN B 488 20.43 0.69 26.85
CA ASN B 488 20.14 -0.60 26.25
C ASN B 488 21.25 -1.61 26.50
N THR B 489 22.51 -1.15 26.65
CA THR B 489 23.57 -2.05 27.08
C THR B 489 23.30 -2.57 28.49
N ALA B 490 22.79 -1.70 29.37
CA ALA B 490 22.38 -2.17 30.70
C ALA B 490 21.23 -3.17 30.59
N ARG B 491 20.28 -2.91 29.68
CA ARG B 491 19.13 -3.80 29.55
C ARG B 491 19.45 -5.12 28.86
N GLN B 492 20.61 -5.22 28.20
CA GLN B 492 20.92 -6.44 27.47
C GLN B 492 21.24 -7.61 28.41
N GLU B 493 21.88 -7.34 29.53
CA GLU B 493 22.40 -8.40 30.40
C GLU B 493 21.58 -8.59 31.67
N TYR B 494 20.56 -7.78 31.89
CA TYR B 494 19.73 -7.90 33.08
C TYR B 494 18.29 -7.57 32.72
N HIS B 495 17.37 -8.05 33.56
CA HIS B 495 15.96 -7.73 33.43
C HIS B 495 15.60 -6.72 34.50
N TRP B 496 14.96 -5.62 34.09
CA TRP B 496 14.58 -4.54 34.99
C TRP B 496 13.08 -4.36 34.89
N GLU B 497 12.37 -4.73 35.95
CA GLU B 497 10.92 -4.58 35.95
C GLU B 497 10.52 -3.10 35.94
N ARG B 498 11.24 -2.27 36.70
CA ARG B 498 10.90 -0.87 36.82
C ARG B 498 12.18 -0.02 36.75
N ILE B 499 12.08 1.09 36.03
CA ILE B 499 13.15 2.08 35.95
C ILE B 499 12.61 3.39 36.52
N HIS B 500 13.42 4.05 37.34
CA HIS B 500 13.00 5.27 38.02
C HIS B 500 13.92 6.41 37.60
N LEU B 501 13.37 7.36 36.86
CA LEU B 501 14.17 8.41 36.21
C LEU B 501 14.27 9.63 37.11
N PHE B 502 15.50 9.96 37.52
CA PHE B 502 15.82 11.17 38.25
C PHE B 502 16.91 11.88 37.46
N GLN B 503 16.58 13.04 36.89
CA GLN B 503 17.51 13.71 35.99
C GLN B 503 17.56 15.21 36.26
N THR B 504 18.74 15.77 36.05
CA THR B 504 18.93 17.22 35.91
C THR B 504 19.63 17.41 34.57
N ALA B 505 18.85 17.71 33.54
CA ALA B 505 19.34 17.80 32.17
C ALA B 505 18.67 18.98 31.49
N PRO B 506 19.26 19.49 30.40
CA PRO B 506 18.61 20.56 29.65
C PRO B 506 17.27 20.14 29.09
N THR B 507 16.38 21.12 28.93
CA THR B 507 15.01 20.85 28.53
C THR B 507 14.96 20.10 27.20
N ALA B 508 15.74 20.56 26.21
CA ALA B 508 15.73 19.92 24.91
C ALA B 508 16.27 18.50 24.98
N LEU B 509 17.31 18.27 25.78
CA LEU B 509 17.83 16.92 25.95
C LEU B 509 16.80 16.00 26.62
N CYS B 510 16.07 16.52 27.61
CA CYS B 510 15.01 15.72 28.23
C CYS B 510 13.93 15.38 27.22
N MET B 511 13.56 16.35 26.37
CA MET B 511 12.56 16.09 25.35
C MET B 511 13.04 15.04 24.36
N ALA B 512 14.31 15.13 23.95
CA ALA B 512 14.87 14.14 23.03
C ALA B 512 14.93 12.76 23.67
N LEU B 513 15.27 12.69 24.96
CA LEU B 513 15.28 11.42 25.66
C LEU B 513 13.88 10.82 25.73
N GLY B 514 12.87 11.66 25.99
CA GLY B 514 11.51 11.17 25.98
C GLY B 514 11.07 10.69 24.60
N ILE B 515 11.53 11.36 23.55
CA ILE B 515 11.24 10.92 22.19
C ILE B 515 11.87 9.56 21.94
N ALA B 516 13.14 9.40 22.29
CA ALA B 516 13.88 8.19 21.94
C ALA B 516 13.41 7.00 22.79
N VAL B 517 13.53 7.12 24.12
CA VAL B 517 13.15 6.03 25.00
C VAL B 517 11.67 5.70 24.83
N GLY B 518 10.83 6.72 24.81
CA GLY B 518 9.44 6.52 24.53
C GLY B 518 8.69 5.80 25.64
N HIS B 519 7.43 5.51 25.35
CA HIS B 519 6.53 4.89 26.31
C HIS B 519 6.73 3.39 26.44
N PHE B 520 7.84 2.85 25.95
CA PHE B 520 8.02 1.41 25.90
C PHE B 520 8.62 0.86 27.20
N LEU B 521 9.77 1.38 27.58
CA LEU B 521 10.40 0.93 28.82
C LEU B 521 9.62 1.46 30.02
N PRO B 522 9.39 0.63 31.04
CA PRO B 522 8.66 1.12 32.21
C PRO B 522 9.52 2.08 33.02
N VAL B 523 9.25 3.37 32.89
CA VAL B 523 10.05 4.41 33.53
C VAL B 523 9.10 5.36 34.25
N ASP B 524 9.30 5.50 35.57
CA ASP B 524 8.59 6.49 36.37
C ASP B 524 9.50 7.69 36.54
N VAL B 525 9.13 8.81 35.94
CA VAL B 525 9.91 10.03 36.03
C VAL B 525 9.49 10.81 37.27
N TYR B 526 10.49 11.17 38.07
CA TYR B 526 10.31 11.96 39.29
C TYR B 526 10.87 13.36 39.05
N HIS B 527 10.07 14.38 39.35
CA HIS B 527 10.51 15.76 39.22
C HIS B 527 11.01 16.26 40.57
N TYR B 528 11.99 17.16 40.52
CA TYR B 528 12.61 17.74 41.71
C TYR B 528 12.35 19.23 41.74
N GLN B 529 11.89 19.72 42.89
CA GLN B 529 11.72 21.15 43.13
C GLN B 529 12.49 21.54 44.38
N PHE B 530 13.40 22.50 44.24
CA PHE B 530 14.19 22.94 45.39
C PHE B 530 13.37 23.78 46.36
N ASN B 531 12.21 24.30 45.93
CA ASN B 531 11.39 25.15 46.77
C ASN B 531 10.40 24.38 47.63
N ALA B 532 10.27 23.07 47.42
CA ALA B 532 9.33 22.27 48.21
C ALA B 532 10.03 21.63 49.41
N PRO B 535 10.43 15.75 51.25
CA PRO B 535 9.62 15.42 50.07
C PRO B 535 10.06 16.18 48.83
N LYS B 536 11.38 16.38 48.69
CA LYS B 536 11.88 17.13 47.55
C LYS B 536 11.59 16.42 46.24
N TYR B 537 11.73 15.11 46.21
CA TYR B 537 11.40 14.33 45.03
C TYR B 537 9.96 13.83 45.09
N ARG B 538 9.42 13.51 43.92
CA ARG B 538 8.04 13.07 43.82
C ARG B 538 7.83 12.40 42.46
N CYS B 539 7.30 11.17 42.48
CA CYS B 539 6.99 10.48 41.24
C CYS B 539 5.93 11.25 40.47
N VAL B 540 6.32 11.83 39.34
CA VAL B 540 5.41 12.72 38.64
C VAL B 540 4.65 11.98 37.55
N PHE B 541 5.31 11.20 36.70
CA PHE B 541 4.52 10.39 35.77
C PHE B 541 5.27 9.09 35.47
N SER B 542 4.70 8.30 34.56
CA SER B 542 5.28 7.03 34.14
C SER B 542 5.25 6.94 32.62
N LEU B 543 6.37 6.49 32.06
CA LEU B 543 6.48 6.42 30.59
C LEU B 543 5.44 5.47 30.01
N ASP B 544 5.29 4.29 30.60
CA ASP B 544 4.38 3.29 30.05
C ASP B 544 2.94 3.73 30.16
N LYS B 545 2.62 4.61 31.11
CA LYS B 545 1.26 5.08 31.33
C LYS B 545 0.94 6.35 30.53
N MET B 546 1.88 6.85 29.73
CA MET B 546 1.62 8.04 28.93
C MET B 546 0.56 7.77 27.87
N LEU B 547 0.46 6.53 27.39
CA LEU B 547 -0.60 6.18 26.46
C LEU B 547 -1.96 6.06 27.13
N ASN B 548 -2.02 6.13 28.46
CA ASN B 548 -3.27 6.11 29.20
C ASN B 548 -3.68 7.47 29.74
N LEU B 549 -2.74 8.24 30.25
CA LEU B 549 -3.03 9.58 30.76
C LEU B 549 -2.29 10.64 29.95
N VAL C 246 -18.76 -26.97 -28.22
CA VAL C 246 -18.02 -25.81 -28.69
C VAL C 246 -18.97 -24.64 -28.88
N HIS C 247 -19.12 -23.83 -27.83
CA HIS C 247 -20.00 -22.67 -27.89
C HIS C 247 -19.30 -21.37 -27.49
N ARG C 248 -18.38 -21.42 -26.53
CA ARG C 248 -17.71 -20.22 -26.04
C ARG C 248 -16.41 -19.97 -26.80
N ILE C 249 -16.49 -19.93 -28.13
CA ILE C 249 -15.34 -19.67 -28.99
C ILE C 249 -15.43 -18.25 -29.49
N LYS C 250 -14.37 -17.46 -29.26
CA LYS C 250 -14.33 -16.06 -29.64
C LYS C 250 -13.61 -15.83 -30.96
N LYS C 251 -12.42 -16.40 -31.13
CA LYS C 251 -11.62 -16.20 -32.32
C LYS C 251 -11.53 -17.48 -33.13
N ILE C 252 -11.63 -17.35 -34.46
CA ILE C 252 -11.52 -18.51 -35.33
C ILE C 252 -10.13 -19.11 -35.28
N GLU C 253 -9.11 -18.29 -35.00
CA GLU C 253 -7.75 -18.79 -34.91
C GLU C 253 -7.61 -19.83 -33.80
N GLN C 254 -8.24 -19.59 -32.65
CA GLN C 254 -8.21 -20.57 -31.57
C GLN C 254 -8.95 -21.84 -31.95
N LEU C 255 -10.06 -21.70 -32.67
CA LEU C 255 -10.82 -22.87 -33.10
C LEU C 255 -10.01 -23.73 -34.07
N ASP C 256 -9.25 -23.09 -34.95
CA ASP C 256 -8.48 -23.83 -35.96
C ASP C 256 -7.45 -24.74 -35.29
N ALA C 257 -6.77 -24.24 -34.25
CA ALA C 257 -5.74 -25.04 -33.61
C ALA C 257 -6.34 -26.21 -32.84
N TRP C 258 -7.52 -26.04 -32.25
CA TRP C 258 -8.11 -27.11 -31.45
C TRP C 258 -8.38 -28.36 -32.27
N LEU C 259 -8.91 -28.18 -33.48
CA LEU C 259 -9.25 -29.31 -34.33
C LEU C 259 -8.07 -29.84 -35.14
N ASN C 260 -6.96 -29.10 -35.20
CA ASN C 260 -5.83 -29.48 -36.05
C ASN C 260 -4.52 -29.34 -35.28
N THR C 261 -4.49 -29.83 -34.05
CA THR C 261 -3.27 -29.87 -33.25
C THR C 261 -2.82 -31.31 -33.07
N GLU C 262 -1.57 -31.48 -32.63
CA GLU C 262 -1.00 -32.78 -32.38
C GLU C 262 -0.99 -33.17 -30.90
N THR C 263 -0.66 -32.22 -30.03
CA THR C 263 -0.63 -32.45 -28.59
C THR C 263 -1.56 -31.47 -27.90
N ILE C 264 -2.32 -31.96 -26.92
CA ILE C 264 -3.22 -31.16 -26.11
C ILE C 264 -2.61 -31.02 -24.71
N PRO C 265 -2.41 -29.81 -24.21
CA PRO C 265 -1.88 -29.66 -22.85
C PRO C 265 -2.97 -29.85 -21.81
N LEU C 266 -2.69 -30.66 -20.79
CA LEU C 266 -3.61 -30.89 -19.69
C LEU C 266 -2.96 -30.44 -18.39
N PRO C 267 -3.29 -29.24 -17.90
CA PRO C 267 -2.66 -28.73 -16.69
C PRO C 267 -3.28 -29.36 -15.44
N VAL C 268 -2.48 -30.13 -14.71
CA VAL C 268 -2.91 -30.79 -13.50
C VAL C 268 -2.31 -30.08 -12.30
N ILE C 269 -3.14 -29.79 -11.30
CA ILE C 269 -2.71 -29.09 -10.10
C ILE C 269 -3.22 -29.85 -8.88
N GLN C 270 -2.37 -29.96 -7.87
CA GLN C 270 -2.73 -30.56 -6.59
C GLN C 270 -2.86 -29.45 -5.57
N TYR C 271 -4.00 -29.38 -4.90
CA TYR C 271 -4.25 -28.32 -3.93
C TYR C 271 -5.11 -28.84 -2.80
N GLN C 272 -4.87 -28.32 -1.60
CA GLN C 272 -5.66 -28.61 -0.41
C GLN C 272 -5.98 -27.31 0.29
N GLY C 273 -7.26 -26.98 0.36
CA GLY C 273 -7.68 -25.75 1.01
C GLY C 273 -9.01 -25.29 0.44
N GLU C 274 -9.24 -23.98 0.54
CA GLU C 274 -10.47 -23.40 0.04
C GLU C 274 -10.51 -23.45 -1.48
N GLU C 275 -11.71 -23.75 -2.02
CA GLU C 275 -11.86 -23.84 -3.47
C GLU C 275 -11.71 -22.49 -4.15
N ASN C 276 -11.90 -21.39 -3.43
CA ASN C 276 -11.74 -20.07 -4.04
C ASN C 276 -10.30 -19.80 -4.43
N GLU C 277 -9.35 -20.17 -3.56
CA GLU C 277 -7.95 -20.00 -3.90
C GLU C 277 -7.50 -20.98 -4.98
N LEU C 278 -8.14 -22.14 -5.05
CA LEU C 278 -7.87 -23.08 -6.13
C LEU C 278 -8.21 -22.46 -7.49
N LYS C 279 -9.29 -21.69 -7.55
CA LYS C 279 -9.64 -20.99 -8.78
C LYS C 279 -8.56 -20.00 -9.17
N ARG C 280 -7.99 -19.30 -8.18
CA ARG C 280 -6.89 -18.37 -8.47
C ARG C 280 -5.66 -19.12 -8.97
N TRP C 281 -5.37 -20.29 -8.38
CA TRP C 281 -4.21 -21.06 -8.81
C TRP C 281 -4.36 -21.56 -10.23
N GLN C 282 -5.57 -22.01 -10.59
CA GLN C 282 -5.80 -22.51 -11.94
C GLN C 282 -5.66 -21.40 -12.98
N LYS C 283 -6.14 -20.19 -12.65
CA LYS C 283 -6.03 -19.07 -13.59
C LYS C 283 -4.57 -18.74 -13.87
N ALA C 284 -3.73 -18.72 -12.83
CA ALA C 284 -2.30 -18.51 -13.04
C ALA C 284 -1.70 -19.62 -13.86
N MET C 285 -2.18 -20.85 -13.69
CA MET C 285 -1.72 -21.97 -14.51
C MET C 285 -2.15 -21.82 -15.95
N GLU C 286 -3.33 -21.24 -16.19
CA GLU C 286 -3.83 -21.08 -17.55
C GLU C 286 -2.91 -20.20 -18.39
N GLN C 287 -2.38 -19.13 -17.79
CA GLN C 287 -1.52 -18.22 -18.54
C GLN C 287 -0.27 -18.92 -19.05
N LYS C 288 0.37 -19.74 -18.21
CA LYS C 288 1.61 -20.39 -18.62
C LYS C 288 1.39 -21.31 -19.81
N VAL C 289 0.27 -22.02 -19.83
CA VAL C 289 -0.04 -22.87 -20.98
C VAL C 289 -0.27 -22.03 -22.22
N GLN C 290 -0.86 -20.84 -22.06
CA GLN C 290 -1.16 -20.01 -23.22
C GLN C 290 0.07 -19.36 -23.82
N GLU C 291 1.19 -19.31 -23.10
CA GLU C 291 2.44 -18.87 -23.71
C GLU C 291 2.88 -19.84 -24.80
N LYS C 292 2.73 -21.13 -24.55
CA LYS C 292 3.07 -22.14 -25.56
C LYS C 292 1.90 -22.48 -26.46
N PHE C 293 0.67 -22.39 -25.95
CA PHE C 293 -0.54 -22.69 -26.73
C PHE C 293 -1.55 -21.57 -26.45
N SER C 294 -1.48 -20.50 -27.25
CA SER C 294 -2.41 -19.39 -27.05
C SER C 294 -3.86 -19.82 -27.27
N TRP C 295 -4.07 -20.83 -28.11
CA TRP C 295 -5.40 -21.40 -28.34
C TRP C 295 -5.94 -22.16 -27.14
N PHE C 296 -5.12 -22.46 -26.14
CA PHE C 296 -5.60 -23.18 -24.97
C PHE C 296 -6.45 -22.30 -24.09
N SER C 297 -7.51 -22.87 -23.53
CA SER C 297 -8.36 -22.16 -22.58
C SER C 297 -9.09 -23.17 -21.71
N TYR C 298 -9.28 -22.82 -20.44
CA TYR C 298 -10.02 -23.69 -19.54
C TYR C 298 -11.46 -23.88 -20.00
N GLU C 299 -12.11 -22.79 -20.44
CA GLU C 299 -13.48 -22.91 -20.93
C GLU C 299 -13.55 -23.77 -22.18
N LEU C 300 -12.58 -23.63 -23.09
CA LEU C 300 -12.55 -24.46 -24.28
C LEU C 300 -12.19 -25.90 -23.94
N LEU C 301 -11.40 -26.10 -22.88
CA LEU C 301 -11.02 -27.46 -22.49
C LEU C 301 -12.24 -28.28 -22.09
N GLU C 302 -13.27 -27.64 -21.56
CA GLU C 302 -14.48 -28.33 -21.13
C GLU C 302 -15.51 -28.51 -22.24
N ASP C 303 -15.23 -27.99 -23.43
CA ASP C 303 -16.17 -28.10 -24.55
C ASP C 303 -15.85 -29.28 -25.45
N PHE C 304 -14.65 -29.31 -26.02
CA PHE C 304 -14.29 -30.36 -26.96
C PHE C 304 -14.22 -31.73 -26.27
N TYR C 305 -13.68 -31.78 -25.06
CA TYR C 305 -13.50 -33.04 -24.34
C TYR C 305 -14.38 -33.15 -23.11
N GLY C 306 -14.62 -32.05 -22.40
CA GLY C 306 -15.36 -32.08 -21.16
C GLY C 306 -14.52 -32.10 -19.90
N ILE C 307 -13.21 -31.90 -20.02
CA ILE C 307 -12.35 -31.86 -18.84
C ILE C 307 -12.69 -30.61 -18.04
N THR C 308 -12.95 -30.79 -16.75
CA THR C 308 -13.38 -29.72 -15.87
C THR C 308 -12.25 -29.34 -14.93
N ASN C 309 -12.27 -28.09 -14.47
CA ASN C 309 -11.26 -27.60 -13.54
C ASN C 309 -11.11 -28.54 -12.34
N SER C 310 -12.22 -29.06 -11.84
CA SER C 310 -12.15 -30.05 -10.76
C SER C 310 -11.48 -31.33 -11.24
N ASP C 311 -11.79 -31.76 -12.46
CA ASP C 311 -11.22 -33.01 -12.97
C ASP C 311 -9.70 -32.90 -13.14
N LEU C 312 -9.18 -31.71 -13.39
CA LEU C 312 -7.74 -31.51 -13.50
C LEU C 312 -7.09 -31.27 -12.14
N ALA C 313 -7.87 -31.14 -11.08
CA ALA C 313 -7.36 -30.76 -9.77
C ALA C 313 -7.40 -31.95 -8.83
N ILE C 314 -6.26 -32.24 -8.21
CA ILE C 314 -6.20 -33.19 -7.09
C ILE C 314 -6.54 -32.36 -5.86
N PHE C 315 -7.84 -32.26 -5.59
CA PHE C 315 -8.36 -31.27 -4.64
C PHE C 315 -8.93 -31.96 -3.41
N GLY C 316 -8.67 -31.35 -2.25
CA GLY C 316 -9.25 -31.79 -0.99
C GLY C 316 -9.51 -30.62 -0.08
N ASN C 317 -10.69 -30.57 0.54
CA ASN C 317 -11.06 -29.41 1.34
C ASN C 317 -10.25 -29.37 2.63
N GLY C 318 -9.69 -28.20 2.93
CA GLY C 318 -8.96 -28.01 4.17
C GLY C 318 -7.63 -28.73 4.19
N ILE C 319 -6.97 -28.64 5.35
CA ILE C 319 -5.69 -29.30 5.55
C ILE C 319 -5.88 -30.81 5.51
N LEU C 320 -5.01 -31.49 4.77
CA LEU C 320 -5.09 -32.95 4.70
C LEU C 320 -4.75 -33.54 6.07
N PRO C 321 -5.60 -34.42 6.60
CA PRO C 321 -5.34 -34.98 7.94
C PRO C 321 -4.03 -35.77 7.94
N PHE C 322 -3.31 -35.68 9.07
CA PHE C 322 -2.01 -36.30 9.19
C PHE C 322 -2.12 -37.78 9.52
N GLU C 323 -2.88 -38.52 8.71
CA GLU C 323 -3.03 -39.96 8.86
C GLU C 323 -2.55 -40.64 7.59
N ALA C 324 -1.78 -41.72 7.75
CA ALA C 324 -1.24 -42.43 6.60
C ALA C 324 -2.36 -42.96 5.71
N ASN C 325 -3.46 -43.42 6.32
CA ASN C 325 -4.58 -43.93 5.54
C ASN C 325 -5.21 -42.83 4.70
N ALA C 326 -5.28 -41.60 5.22
CA ALA C 326 -5.82 -40.50 4.45
C ALA C 326 -4.97 -40.21 3.21
N TRP C 327 -3.64 -40.24 3.37
CA TRP C 327 -2.76 -40.04 2.23
C TRP C 327 -2.91 -41.16 1.21
N GLN C 328 -2.90 -42.41 1.68
CA GLN C 328 -3.04 -43.54 0.77
C GLN C 328 -4.42 -43.54 0.11
N LYS C 329 -5.44 -43.11 0.84
CA LYS C 329 -6.76 -42.95 0.22
C LYS C 329 -6.75 -41.86 -0.83
N LEU C 330 -6.08 -40.74 -0.55
CA LEU C 330 -6.02 -39.64 -1.50
C LEU C 330 -5.32 -40.06 -2.79
N LEU C 331 -4.20 -40.76 -2.67
CA LEU C 331 -3.49 -41.24 -3.85
C LEU C 331 -4.32 -42.27 -4.62
N GLN C 332 -4.98 -43.19 -3.89
CA GLN C 332 -5.72 -44.25 -4.56
C GLN C 332 -7.02 -43.73 -5.18
N GLU C 333 -7.74 -42.89 -4.45
CA GLU C 333 -9.04 -42.45 -4.93
C GLU C 333 -8.95 -41.41 -6.04
N GLN C 334 -7.91 -40.57 -6.02
CA GLN C 334 -7.78 -39.49 -6.99
C GLN C 334 -6.58 -39.65 -7.90
N VAL C 335 -5.38 -39.78 -7.35
CA VAL C 335 -4.16 -39.68 -8.15
C VAL C 335 -4.00 -40.89 -9.07
N LYS C 336 -4.24 -42.09 -8.55
CA LYS C 336 -3.82 -43.30 -9.26
C LYS C 336 -4.52 -43.43 -10.61
N ASP C 337 -5.83 -43.17 -10.65
CA ASP C 337 -6.61 -43.32 -11.88
C ASP C 337 -6.73 -42.02 -12.66
N LYS C 338 -6.16 -40.92 -12.18
CA LYS C 338 -6.35 -39.63 -12.82
C LYS C 338 -5.72 -39.58 -14.21
N PHE C 339 -4.45 -39.95 -14.31
CA PHE C 339 -3.72 -39.78 -15.56
C PHE C 339 -4.17 -40.80 -16.61
N LYS C 340 -4.47 -42.02 -16.19
CA LYS C 340 -4.93 -43.03 -17.13
C LYS C 340 -6.28 -42.64 -17.73
N LEU C 341 -7.19 -42.12 -16.89
CA LEU C 341 -8.50 -41.74 -17.39
C LEU C 341 -8.44 -40.50 -18.28
N LEU C 342 -7.65 -39.50 -17.87
CA LEU C 342 -7.59 -38.25 -18.63
C LEU C 342 -7.00 -38.48 -20.03
N GLU C 343 -5.98 -39.34 -20.14
CA GLU C 343 -5.46 -39.67 -21.46
C GLU C 343 -6.53 -40.29 -22.34
N ASP C 344 -7.41 -41.11 -21.76
CA ASP C 344 -8.45 -41.76 -22.55
C ASP C 344 -9.45 -40.75 -23.09
N LYS C 345 -9.64 -39.61 -22.40
CA LYS C 345 -10.55 -38.60 -22.90
C LYS C 345 -10.05 -38.01 -24.21
N VAL C 346 -8.81 -37.53 -24.23
CA VAL C 346 -8.17 -37.12 -25.49
C VAL C 346 -7.41 -38.34 -26.00
N MET C 347 -8.14 -39.23 -26.65
CA MET C 347 -7.58 -40.49 -27.15
C MET C 347 -6.84 -40.33 -28.48
N PRO C 348 -7.44 -39.69 -29.50
CA PRO C 348 -6.75 -39.64 -30.80
C PRO C 348 -5.40 -38.93 -30.77
N LYS C 349 -5.24 -37.93 -29.92
CA LYS C 349 -4.03 -37.11 -29.90
C LYS C 349 -3.29 -37.27 -28.58
N LYS C 350 -1.98 -37.11 -28.63
CA LYS C 350 -1.14 -37.25 -27.45
C LYS C 350 -1.39 -36.10 -26.48
N VAL C 351 -0.79 -36.22 -25.29
CA VAL C 351 -0.98 -35.27 -24.20
C VAL C 351 0.38 -34.76 -23.75
N LEU C 352 0.50 -33.45 -23.60
CA LEU C 352 1.65 -32.81 -22.97
C LEU C 352 1.20 -32.31 -21.61
N TRP C 353 1.65 -32.97 -20.55
CA TRP C 353 1.16 -32.68 -19.22
C TRP C 353 1.88 -31.49 -18.62
N PHE C 354 1.12 -30.53 -18.10
CA PHE C 354 1.63 -29.45 -17.28
C PHE C 354 1.22 -29.72 -15.85
N TYR C 355 2.17 -29.68 -14.92
CA TYR C 355 1.89 -30.02 -13.54
C TYR C 355 2.48 -29.00 -12.58
N ALA C 356 1.74 -28.71 -11.52
CA ALA C 356 2.22 -27.91 -10.40
C ALA C 356 1.42 -28.31 -9.18
N GLY C 357 2.12 -28.66 -8.09
CA GLY C 357 1.48 -29.13 -6.89
C GLY C 357 1.62 -28.17 -5.74
N GLN C 358 1.09 -28.58 -4.59
CA GLN C 358 1.12 -27.80 -3.36
C GLN C 358 1.95 -28.47 -2.27
N ILE C 359 1.68 -29.74 -1.98
CA ILE C 359 2.37 -30.46 -0.92
C ILE C 359 3.55 -31.19 -1.53
N SER C 360 4.76 -30.87 -1.08
CA SER C 360 5.96 -31.43 -1.69
C SER C 360 6.02 -32.94 -1.51
N THR C 361 5.67 -33.43 -0.32
CA THR C 361 5.75 -34.86 -0.05
C THR C 361 4.77 -35.65 -0.92
N LEU C 362 3.61 -35.06 -1.20
CA LEU C 362 2.60 -35.75 -2.00
C LEU C 362 3.08 -36.00 -3.42
N GLN C 363 4.00 -35.16 -3.92
CA GLN C 363 4.43 -35.26 -5.32
C GLN C 363 5.18 -36.55 -5.59
N LEU C 364 5.91 -37.06 -4.60
CA LEU C 364 6.61 -38.34 -4.79
C LEU C 364 5.61 -39.45 -5.09
N GLY C 365 4.50 -39.48 -4.37
CA GLY C 365 3.46 -40.45 -4.69
C GLY C 365 2.82 -40.19 -6.03
N ILE C 366 2.55 -38.93 -6.35
CA ILE C 366 1.97 -38.59 -7.64
C ILE C 366 2.98 -38.81 -8.76
N GLY C 367 4.22 -38.40 -8.56
CA GLY C 367 5.24 -38.60 -9.58
C GLY C 367 5.50 -40.06 -9.87
N ALA C 368 5.54 -40.90 -8.83
CA ALA C 368 5.69 -42.32 -9.04
C ALA C 368 4.50 -42.90 -9.79
N LEU C 369 3.30 -42.46 -9.45
CA LEU C 369 2.10 -42.93 -10.14
C LEU C 369 1.88 -42.23 -11.47
N PHE C 370 2.55 -41.10 -11.70
CA PHE C 370 2.42 -40.42 -12.98
C PHE C 370 3.01 -41.25 -14.12
N GLY C 371 4.16 -41.87 -13.89
CA GLY C 371 4.79 -42.67 -14.92
C GLY C 371 5.83 -41.89 -15.69
N PHE C 372 6.81 -42.63 -16.23
CA PHE C 372 7.88 -42.05 -17.02
C PHE C 372 7.63 -42.12 -18.51
N LYS C 373 6.47 -42.64 -18.92
CA LYS C 373 6.12 -42.72 -20.34
C LYS C 373 5.29 -41.53 -20.81
N ARG C 374 5.02 -40.57 -19.93
CA ARG C 374 4.21 -39.41 -20.26
C ARG C 374 5.11 -38.18 -20.36
N ALA C 375 5.04 -37.49 -21.50
CA ALA C 375 5.75 -36.23 -21.65
C ALA C 375 5.12 -35.18 -20.75
N VAL C 376 5.94 -34.55 -19.92
CA VAL C 376 5.44 -33.63 -18.90
C VAL C 376 6.28 -32.37 -18.90
N SER C 377 5.62 -31.23 -18.72
CA SER C 377 6.27 -29.93 -18.53
C SER C 377 5.95 -29.49 -17.11
N ILE C 378 6.83 -29.85 -16.17
CA ILE C 378 6.59 -29.60 -14.75
C ILE C 378 6.88 -28.13 -14.47
N LEU C 379 5.90 -27.43 -13.90
CA LEU C 379 5.99 -26.00 -13.65
C LEU C 379 6.37 -25.73 -12.20
N GLN C 380 6.83 -24.49 -11.96
CA GLN C 380 7.20 -24.05 -10.62
C GLN C 380 6.95 -22.56 -10.55
N MET C 381 5.95 -22.16 -9.76
CA MET C 381 5.55 -20.77 -9.70
C MET C 381 6.66 -19.89 -9.15
N GLU C 382 6.86 -18.74 -9.79
CA GLU C 382 7.77 -17.71 -9.32
C GLU C 382 6.94 -16.56 -8.78
N PHE C 383 7.26 -16.11 -7.57
CA PHE C 383 6.32 -15.28 -6.81
C PHE C 383 6.54 -13.78 -6.98
N SER C 384 7.71 -13.35 -7.44
CA SER C 384 7.90 -11.92 -7.66
C SER C 384 7.03 -11.40 -8.79
N ASN C 385 6.68 -12.26 -9.75
CA ASN C 385 5.80 -11.89 -10.85
C ASN C 385 4.53 -12.72 -10.90
N THR C 386 4.40 -13.73 -10.04
CA THR C 386 3.25 -14.64 -10.02
C THR C 386 3.08 -15.26 -11.41
N THR C 387 4.06 -16.08 -11.76
CA THR C 387 4.12 -16.72 -13.06
C THR C 387 4.73 -18.11 -12.90
N TYR C 388 4.38 -19.01 -13.82
CA TYR C 388 4.88 -20.37 -13.83
C TYR C 388 6.06 -20.49 -14.79
N HIS C 389 7.01 -21.35 -14.42
CA HIS C 389 8.18 -21.63 -15.24
C HIS C 389 8.35 -23.13 -15.36
N GLU C 390 8.51 -23.61 -16.59
CA GLU C 390 8.68 -25.04 -16.84
C GLU C 390 10.13 -25.41 -16.56
N VAL C 391 10.36 -25.92 -15.35
CA VAL C 391 11.72 -26.29 -14.94
C VAL C 391 12.10 -27.68 -15.40
N PHE C 392 11.13 -28.53 -15.73
CA PHE C 392 11.38 -29.86 -16.26
C PHE C 392 10.62 -30.01 -17.57
N ILE C 393 11.32 -30.47 -18.61
CA ILE C 393 10.72 -30.63 -19.93
C ILE C 393 10.81 -32.12 -20.24
N LEU C 394 10.66 -32.95 -19.21
CA LEU C 394 10.73 -34.39 -19.36
C LEU C 394 9.61 -34.92 -20.25
N VAL C 406 21.16 -40.92 -16.14
CA VAL C 406 21.91 -40.94 -14.88
C VAL C 406 23.40 -41.10 -15.17
N SER C 407 24.08 -41.85 -14.30
CA SER C 407 25.51 -42.14 -14.44
C SER C 407 26.34 -40.87 -14.49
N VAL C 408 26.29 -40.10 -13.40
CA VAL C 408 27.08 -38.89 -13.23
C VAL C 408 27.97 -39.08 -12.01
N LYS C 409 29.27 -38.91 -12.21
CA LYS C 409 30.23 -39.14 -11.14
C LYS C 409 30.13 -38.06 -10.07
N LYS C 410 30.54 -38.42 -8.85
CA LYS C 410 30.46 -37.48 -7.73
C LYS C 410 31.36 -36.27 -7.96
N GLU C 411 32.55 -36.48 -8.53
CA GLU C 411 33.45 -35.37 -8.80
C GLU C 411 32.82 -34.37 -9.77
N ASP C 412 32.06 -34.87 -10.74
CA ASP C 412 31.38 -34.01 -11.70
C ASP C 412 29.97 -33.67 -11.24
N TYR C 413 29.84 -33.13 -10.03
CA TYR C 413 28.55 -32.71 -9.49
C TYR C 413 28.44 -31.19 -9.64
N GLN C 414 27.35 -30.74 -10.28
CA GLN C 414 27.22 -29.34 -10.64
C GLN C 414 26.55 -28.51 -9.54
N TYR C 415 25.30 -28.85 -9.19
CA TYR C 415 24.53 -28.04 -8.26
C TYR C 415 24.21 -28.72 -6.94
N ILE C 416 24.29 -30.03 -6.86
CA ILE C 416 23.97 -30.75 -5.63
C ILE C 416 25.26 -31.05 -4.89
N GLN C 417 25.12 -31.35 -3.59
CA GLN C 417 26.24 -31.71 -2.73
C GLN C 417 25.86 -33.01 -2.03
N SER C 418 26.13 -34.13 -2.67
CA SER C 418 25.77 -35.43 -2.13
C SER C 418 26.71 -35.80 -0.98
N GLU C 419 26.21 -36.67 -0.11
CA GLU C 419 26.98 -37.12 1.06
C GLU C 419 26.37 -38.42 1.56
N LEU C 420 27.22 -39.40 1.84
CA LEU C 420 26.80 -40.73 2.28
C LEU C 420 27.56 -41.11 3.54
N LEU C 421 26.82 -41.39 4.61
CA LEU C 421 27.39 -41.87 5.87
C LEU C 421 26.88 -43.26 6.16
N ILE C 422 27.80 -44.16 6.50
CA ILE C 422 27.47 -45.52 6.94
C ILE C 422 28.11 -45.69 8.30
N ASN C 423 27.35 -45.39 9.35
CA ASN C 423 27.87 -45.48 10.71
C ASN C 423 27.75 -46.88 11.31
N GLU C 424 26.74 -47.65 10.89
CA GLU C 424 26.55 -49.01 11.35
C GLU C 424 26.37 -49.91 10.14
N PRO C 425 27.45 -50.34 9.50
CA PRO C 425 27.33 -51.19 8.30
C PRO C 425 26.83 -52.59 8.62
N HIS C 426 25.73 -52.68 9.36
CA HIS C 426 25.09 -53.96 9.66
C HIS C 426 23.68 -54.04 9.11
N LYS C 427 22.84 -53.05 9.41
CA LYS C 427 21.48 -53.01 8.89
C LYS C 427 21.47 -52.48 7.46
N ASN C 428 20.38 -52.75 6.76
CA ASN C 428 20.18 -52.27 5.40
C ASN C 428 19.07 -51.22 5.35
N GLU C 429 19.04 -50.35 6.34
CA GLU C 429 18.09 -49.24 6.41
C GLU C 429 18.82 -47.95 6.10
N LEU C 430 18.29 -47.18 5.15
CA LEU C 430 18.94 -45.96 4.70
C LEU C 430 17.99 -44.78 4.82
N GLY C 431 18.47 -43.69 5.40
CA GLY C 431 17.71 -42.46 5.47
C GLY C 431 18.06 -41.50 4.36
N PHE C 432 17.23 -41.45 3.32
CA PHE C 432 17.47 -40.59 2.18
C PHE C 432 16.98 -39.18 2.49
N ILE C 433 17.89 -38.23 2.61
CA ILE C 433 17.57 -36.86 2.97
C ILE C 433 17.90 -35.96 1.79
N ILE C 434 16.93 -35.15 1.38
CA ILE C 434 17.10 -34.23 0.25
C ILE C 434 16.77 -32.82 0.75
N TYR C 435 17.77 -31.95 0.74
CA TYR C 435 17.62 -30.58 1.20
C TYR C 435 17.82 -29.65 0.01
N LEU C 436 16.73 -29.13 -0.53
CA LEU C 436 16.79 -28.16 -1.62
C LEU C 436 16.01 -26.88 -1.35
N GLY C 437 15.01 -26.91 -0.47
CA GLY C 437 14.31 -25.71 -0.06
C GLY C 437 15.13 -24.90 0.93
N SER C 438 14.43 -24.17 1.80
CA SER C 438 15.09 -23.31 2.77
C SER C 438 14.85 -23.73 4.21
N HIS C 439 14.02 -24.74 4.48
CA HIS C 439 13.79 -25.23 5.83
C HIS C 439 14.57 -26.52 6.02
N ASN C 440 15.63 -26.46 6.82
CA ASN C 440 16.55 -27.59 6.94
C ASN C 440 15.86 -28.78 7.58
N PRO C 441 15.77 -29.93 6.89
CA PRO C 441 15.12 -31.10 7.48
C PRO C 441 16.11 -32.07 8.11
N ILE C 442 17.41 -31.81 7.91
CA ILE C 442 18.43 -32.77 8.32
C ILE C 442 18.40 -32.98 9.84
N GLY C 443 18.26 -31.89 10.59
CA GLY C 443 18.22 -32.02 12.04
C GLY C 443 17.03 -32.83 12.51
N GLU C 444 15.85 -32.54 11.95
CA GLU C 444 14.65 -33.26 12.36
C GLU C 444 14.64 -34.69 11.84
N ALA C 445 15.00 -34.87 10.56
CA ALA C 445 14.94 -36.20 9.95
C ALA C 445 15.96 -37.14 10.57
N LYS C 446 17.18 -36.65 10.84
CA LYS C 446 18.18 -37.48 11.50
C LYS C 446 17.72 -37.89 12.89
N ALA C 447 17.13 -36.96 13.64
CA ALA C 447 16.64 -37.29 14.97
C ALA C 447 15.45 -38.23 14.91
N TYR C 448 14.60 -38.07 13.88
CA TYR C 448 13.45 -38.96 13.74
C TYR C 448 13.89 -40.39 13.47
N CYS C 449 14.87 -40.59 12.58
CA CYS C 449 15.32 -41.93 12.27
C CYS C 449 15.96 -42.61 13.47
N GLN C 450 16.81 -41.89 14.19
CA GLN C 450 17.51 -42.49 15.33
C GLN C 450 16.54 -42.83 16.46
N LYS C 451 15.58 -41.95 16.74
CA LYS C 451 14.69 -42.13 17.87
C LYS C 451 13.50 -43.04 17.57
N GLN C 452 13.01 -43.11 16.39
CA GLN C 452 11.83 -43.90 16.05
C GLN C 452 12.15 -45.10 15.16
N LEU C 453 12.93 -44.94 13.97
CA LEU C 453 13.19 -46.01 13.02
C LEU C 453 14.51 -46.74 13.26
N GLN C 454 15.32 -46.27 14.21
CA GLN C 454 16.63 -46.86 14.51
C GLN C 454 17.48 -46.94 13.25
N ILE C 455 17.76 -45.77 12.67
CA ILE C 455 18.52 -45.66 11.43
C ILE C 455 19.67 -44.71 11.66
N ASN C 456 20.89 -45.15 11.29
CA ASN C 456 22.05 -44.29 11.33
C ASN C 456 22.79 -44.22 10.00
N ASN C 457 22.27 -44.85 8.95
CA ASN C 457 22.83 -44.77 7.62
C ASN C 457 22.00 -43.78 6.81
N PHE C 458 22.65 -42.72 6.34
CA PHE C 458 21.96 -41.60 5.70
C PHE C 458 22.64 -41.22 4.40
N LEU C 459 21.83 -40.86 3.40
CA LEU C 459 22.31 -40.28 2.15
C LEU C 459 21.73 -38.88 2.05
N ILE C 460 22.59 -37.87 2.10
CA ILE C 460 22.18 -36.48 2.15
C ILE C 460 22.38 -35.86 0.76
N ILE C 461 21.32 -35.24 0.24
CA ILE C 461 21.38 -34.48 -1.01
C ILE C 461 21.11 -33.02 -0.67
N GLN C 462 22.08 -32.15 -0.99
CA GLN C 462 22.00 -30.75 -0.63
C GLN C 462 22.49 -29.89 -1.80
N ALA C 463 21.92 -28.70 -1.92
CA ALA C 463 22.36 -27.77 -2.95
C ALA C 463 23.78 -27.30 -2.67
N ARG C 464 24.57 -27.16 -3.73
CA ARG C 464 26.00 -26.90 -3.57
C ARG C 464 26.27 -25.43 -3.29
N GLU C 465 25.61 -24.53 -4.01
CA GLU C 465 25.87 -23.09 -3.89
C GLU C 465 24.73 -22.33 -3.23
N ASN C 466 23.52 -22.41 -3.77
CA ASN C 466 22.41 -21.56 -3.33
C ASN C 466 21.33 -22.41 -2.68
N GLN C 467 21.34 -22.49 -1.35
CA GLN C 467 20.34 -23.26 -0.63
C GLN C 467 19.02 -22.50 -0.65
N GLY C 468 17.96 -23.15 -1.14
CA GLY C 468 16.66 -22.55 -1.19
C GLY C 468 16.40 -21.68 -2.41
N VAL C 469 17.42 -21.41 -3.22
CA VAL C 469 17.28 -20.61 -4.43
C VAL C 469 17.88 -21.41 -5.58
N MET C 470 17.05 -22.13 -6.31
CA MET C 470 17.44 -22.71 -7.59
C MET C 470 16.70 -21.94 -8.68
N GLU C 471 17.44 -21.37 -9.61
CA GLU C 471 16.90 -20.41 -10.57
C GLU C 471 15.75 -21.00 -11.37
N THR C 472 14.54 -20.49 -11.14
CA THR C 472 13.36 -20.95 -11.86
C THR C 472 13.25 -20.25 -13.21
N SER C 473 14.35 -20.26 -13.97
CA SER C 473 14.37 -19.71 -15.32
C SER C 473 15.20 -20.59 -16.26
N GLN C 474 15.39 -21.86 -15.92
CA GLN C 474 16.26 -22.74 -16.68
C GLN C 474 15.69 -24.16 -16.59
N ASN C 475 16.50 -25.15 -16.96
CA ASN C 475 16.11 -26.54 -16.88
C ASN C 475 16.63 -27.14 -15.58
N TRP C 476 15.72 -27.73 -14.80
CA TRP C 476 16.08 -28.39 -13.56
C TRP C 476 16.39 -29.86 -13.76
N LEU C 477 16.34 -30.36 -14.99
CA LEU C 477 16.72 -31.74 -15.26
C LEU C 477 18.11 -32.10 -14.75
N PRO C 478 19.15 -31.28 -14.93
CA PRO C 478 20.44 -31.64 -14.33
C PRO C 478 20.39 -31.78 -12.82
N TYR C 479 19.54 -31.00 -12.14
CA TYR C 479 19.35 -31.20 -10.70
C TYR C 479 18.87 -32.61 -10.41
N LEU C 480 17.85 -33.07 -11.14
CA LEU C 480 17.31 -34.41 -10.93
C LEU C 480 18.31 -35.49 -11.32
N GLN C 481 19.09 -35.24 -12.39
CA GLN C 481 20.05 -36.24 -12.84
C GLN C 481 21.12 -36.51 -11.78
N GLU C 482 21.56 -35.46 -11.08
CA GLU C 482 22.57 -35.64 -10.03
C GLU C 482 22.01 -36.47 -8.89
N ILE C 483 20.73 -36.26 -8.54
CA ILE C 483 20.12 -37.01 -7.44
C ILE C 483 20.05 -38.49 -7.78
N ASN C 484 19.60 -38.81 -9.00
CA ASN C 484 19.49 -40.21 -9.39
C ASN C 484 20.86 -40.89 -9.40
N SER C 485 21.89 -40.18 -9.88
CA SER C 485 23.23 -40.76 -9.89
C SER C 485 23.74 -41.01 -8.49
N ALA C 486 23.57 -40.04 -7.58
CA ALA C 486 24.00 -40.22 -6.21
C ALA C 486 23.22 -41.32 -5.52
N LEU C 487 21.89 -41.36 -5.73
CA LEU C 487 21.07 -42.41 -5.12
C LEU C 487 21.48 -43.78 -5.64
N ASN C 488 21.63 -43.93 -6.95
CA ASN C 488 22.01 -45.21 -7.51
C ASN C 488 23.43 -45.60 -7.13
N THR C 489 24.29 -44.62 -6.85
CA THR C 489 25.67 -44.92 -6.47
C THR C 489 25.72 -45.72 -5.17
N ALA C 490 24.92 -45.32 -4.18
CA ALA C 490 24.93 -46.03 -2.90
C ALA C 490 24.34 -47.42 -3.02
N ARG C 491 23.43 -47.64 -3.96
CA ARG C 491 22.79 -48.95 -4.08
C ARG C 491 23.76 -50.00 -4.62
N GLN C 492 24.68 -49.62 -5.51
CA GLN C 492 25.64 -50.59 -6.02
C GLN C 492 26.61 -51.02 -4.93
N GLU C 493 27.09 -50.09 -4.13
CA GLU C 493 28.06 -50.42 -3.09
C GLU C 493 27.38 -51.12 -1.91
N TYR C 494 26.23 -50.62 -1.47
CA TYR C 494 25.50 -51.18 -0.35
C TYR C 494 24.10 -51.58 -0.79
N HIS C 495 23.67 -52.75 -0.35
CA HIS C 495 22.31 -53.20 -0.61
C HIS C 495 21.37 -52.67 0.45
N TRP C 496 20.36 -51.90 0.05
CA TRP C 496 19.38 -51.34 0.96
C TRP C 496 18.05 -52.07 0.74
N GLU C 497 17.57 -52.75 1.78
CA GLU C 497 16.27 -53.40 1.72
C GLU C 497 15.12 -52.40 1.88
N ARG C 498 15.40 -51.23 2.44
CA ARG C 498 14.36 -50.22 2.67
C ARG C 498 15.03 -48.88 2.85
N ILE C 499 14.66 -47.91 2.01
CA ILE C 499 15.21 -46.55 2.08
C ILE C 499 14.10 -45.62 2.56
N HIS C 500 14.45 -44.74 3.49
CA HIS C 500 13.49 -43.81 4.07
C HIS C 500 13.79 -42.40 3.57
N LEU C 501 12.79 -41.78 2.96
CA LEU C 501 12.97 -40.52 2.23
C LEU C 501 12.39 -39.37 3.04
N PHE C 502 13.23 -38.37 3.32
CA PHE C 502 12.80 -37.10 3.89
C PHE C 502 13.35 -35.99 3.01
N GLN C 503 12.49 -35.04 2.64
CA GLN C 503 12.92 -34.01 1.70
C GLN C 503 12.28 -32.67 2.00
N THR C 504 13.08 -31.62 1.91
CA THR C 504 12.60 -30.24 1.82
C THR C 504 13.03 -29.76 0.44
N ALA C 505 12.18 -30.00 -0.54
CA ALA C 505 12.51 -29.75 -1.94
C ALA C 505 11.35 -29.01 -2.61
N PRO C 506 11.63 -28.31 -3.71
CA PRO C 506 10.54 -27.64 -4.44
C PRO C 506 9.51 -28.66 -4.92
N THR C 507 8.28 -28.18 -5.06
CA THR C 507 7.18 -29.07 -5.43
C THR C 507 7.42 -29.71 -6.78
N ALA C 508 7.94 -28.94 -7.75
CA ALA C 508 8.23 -29.50 -9.06
C ALA C 508 9.33 -30.56 -8.97
N LEU C 509 10.35 -30.32 -8.16
CA LEU C 509 11.47 -31.26 -8.06
C LEU C 509 10.99 -32.60 -7.54
N CYS C 510 10.11 -32.61 -6.54
CA CYS C 510 9.64 -33.86 -5.97
C CYS C 510 8.85 -34.67 -6.99
N MET C 511 8.02 -34.00 -7.80
CA MET C 511 7.23 -34.71 -8.80
C MET C 511 8.12 -35.39 -9.83
N ALA C 512 9.15 -34.70 -10.30
CA ALA C 512 10.10 -35.32 -11.21
C ALA C 512 10.90 -36.41 -10.52
N LEU C 513 11.20 -36.23 -9.23
CA LEU C 513 11.93 -37.25 -8.49
C LEU C 513 11.16 -38.54 -8.41
N GLY C 514 9.85 -38.46 -8.17
CA GLY C 514 9.04 -39.66 -8.13
C GLY C 514 9.00 -40.40 -9.45
N ILE C 515 9.05 -39.67 -10.56
CA ILE C 515 9.04 -40.30 -11.88
C ILE C 515 10.29 -41.16 -12.06
N ALA C 516 11.44 -40.66 -11.62
CA ALA C 516 12.69 -41.37 -11.84
C ALA C 516 12.77 -42.66 -11.02
N VAL C 517 12.19 -42.66 -9.82
CA VAL C 517 12.32 -43.80 -8.91
C VAL C 517 10.95 -44.41 -8.61
N GLY C 518 10.03 -44.32 -9.58
CA GLY C 518 8.68 -44.78 -9.35
C GLY C 518 8.58 -46.30 -9.32
N HIS C 519 8.27 -46.86 -8.16
CA HIS C 519 7.91 -48.26 -7.95
C HIS C 519 9.05 -49.25 -8.11
N PHE C 520 10.25 -48.80 -8.50
CA PHE C 520 11.38 -49.70 -8.69
C PHE C 520 12.36 -49.68 -7.53
N LEU C 521 12.03 -48.99 -6.45
CA LEU C 521 12.90 -48.94 -5.28
C LEU C 521 12.06 -49.13 -4.03
N PRO C 522 12.63 -49.77 -3.00
CA PRO C 522 11.93 -49.88 -1.70
C PRO C 522 12.14 -48.63 -0.85
N VAL C 523 11.38 -47.58 -1.16
CA VAL C 523 11.55 -46.26 -0.56
C VAL C 523 10.35 -45.96 0.32
N ASP C 524 10.63 -45.55 1.55
CA ASP C 524 9.61 -45.08 2.48
C ASP C 524 9.56 -43.56 2.44
N VAL C 525 8.35 -43.00 2.31
CA VAL C 525 8.16 -41.57 2.16
C VAL C 525 7.55 -41.03 3.44
N TYR C 526 8.18 -39.99 4.00
CA TYR C 526 7.76 -39.40 5.27
C TYR C 526 7.38 -37.94 5.04
N HIS C 527 6.21 -37.55 5.55
CA HIS C 527 5.74 -36.19 5.44
C HIS C 527 5.95 -35.44 6.74
N TYR C 528 6.16 -34.14 6.64
CA TYR C 528 6.28 -33.26 7.79
C TYR C 528 5.04 -32.36 7.83
N GLN C 529 4.31 -32.42 8.94
CA GLN C 529 3.10 -31.64 9.13
C GLN C 529 3.39 -30.53 10.12
N PHE C 530 3.20 -29.28 9.69
CA PHE C 530 3.52 -28.14 10.53
C PHE C 530 2.61 -28.06 11.76
N ASN C 531 1.32 -28.28 11.57
CA ASN C 531 0.36 -28.22 12.68
C ASN C 531 0.09 -29.62 13.24
N ALA C 532 1.17 -30.24 13.72
CA ALA C 532 1.09 -31.57 14.32
C ALA C 532 2.04 -31.63 15.51
N GLU C 533 1.69 -32.49 16.47
CA GLU C 533 2.51 -32.71 17.64
C GLU C 533 3.64 -33.67 17.34
N GLU C 534 4.70 -33.59 18.13
CA GLU C 534 5.84 -34.47 17.94
C GLU C 534 5.43 -35.92 18.15
N PRO C 535 5.87 -36.84 17.29
CA PRO C 535 6.74 -36.65 16.13
C PRO C 535 6.00 -36.02 14.95
N LYS C 536 6.65 -35.13 14.22
CA LYS C 536 6.03 -34.45 13.09
C LYS C 536 6.23 -35.19 11.77
N TYR C 537 7.02 -36.26 11.77
CA TYR C 537 7.22 -37.09 10.61
C TYR C 537 6.38 -38.37 10.72
N ARG C 538 5.90 -38.84 9.58
CA ARG C 538 5.08 -40.04 9.54
C ARG C 538 5.19 -40.67 8.17
N CYS C 539 5.33 -41.99 8.13
CA CYS C 539 5.43 -42.69 6.85
C CYS C 539 4.06 -42.69 6.18
N VAL C 540 3.82 -41.70 5.32
CA VAL C 540 2.51 -41.57 4.69
C VAL C 540 2.29 -42.69 3.68
N PHE C 541 3.33 -43.03 2.91
CA PHE C 541 3.24 -44.15 1.98
C PHE C 541 4.64 -44.65 1.67
N SER C 542 4.70 -45.85 1.10
CA SER C 542 5.95 -46.48 0.69
C SER C 542 5.97 -46.57 -0.83
N LEU C 543 7.06 -46.06 -1.44
CA LEU C 543 7.10 -45.91 -2.89
C LEU C 543 6.93 -47.24 -3.61
N ASP C 544 7.30 -48.35 -2.98
CA ASP C 544 7.20 -49.65 -3.62
C ASP C 544 5.89 -50.37 -3.34
N LYS C 545 4.94 -49.71 -2.68
CA LYS C 545 3.69 -50.36 -2.29
C LYS C 545 2.46 -49.74 -2.94
N MET C 546 2.63 -48.81 -3.88
CA MET C 546 1.48 -48.26 -4.58
C MET C 546 1.05 -49.11 -5.78
N LEU C 547 1.85 -50.11 -6.16
CA LEU C 547 1.52 -50.95 -7.30
C LEU C 547 0.45 -51.98 -6.93
P1 A3P D 4 12.84 0.67 18.99
O1P A3P D 4 12.11 1.94 19.20
O2P A3P D 4 13.13 -0.21 20.13
O3P A3P D 4 14.22 0.98 18.26
P2 A3P D 4 8.50 1.12 13.74
O5P A3P D 4 9.07 2.44 13.39
O6P A3P D 4 8.88 -0.07 12.95
O5' A3P D 4 8.86 0.81 15.26
C5' A3P D 4 9.13 -0.51 15.69
C4' A3P D 4 10.56 -0.69 16.12
O4' A3P D 4 11.41 -0.74 14.93
C3' A3P D 4 11.13 0.41 17.02
O3' A3P D 4 12.07 -0.17 17.91
C2' A3P D 4 11.88 1.29 16.01
O2' A3P D 4 12.90 2.10 16.57
C1' A3P D 4 12.44 0.23 15.06
N9 A3P D 4 12.79 0.74 13.74
C8 A3P D 4 12.00 1.33 12.79
N7 A3P D 4 12.65 1.67 11.71
C5 A3P D 4 13.95 1.30 11.97
C6 A3P D 4 15.14 1.39 11.21
N6 A3P D 4 15.20 1.92 10.00
N1 A3P D 4 16.27 0.91 11.76
C2 A3P D 4 16.22 0.38 12.99
N3 A3P D 4 15.17 0.23 13.79
C4 A3P D 4 14.06 0.72 13.21
P1 A3P E 4 10.80 -23.77 2.18
O1P A3P E 4 11.66 -22.57 1.59
O2P A3P E 4 9.49 -23.23 2.61
O3P A3P E 4 11.64 -24.51 3.15
P2 A3P E 4 6.79 -24.61 -3.23
O5P A3P E 4 7.04 -23.19 -3.57
O6P A3P E 4 7.44 -25.69 -4.01
O5' A3P E 4 7.17 -24.81 -1.70
C5' A3P E 4 7.84 -25.99 -1.26
C4' A3P E 4 9.27 -25.71 -0.86
O4' A3P E 4 10.09 -25.49 -2.05
C3' A3P E 4 9.48 -24.47 0.03
O3' A3P E 4 10.55 -24.73 0.92
C2' A3P E 4 9.91 -23.42 -0.99
O2' A3P E 4 10.66 -22.34 -0.44
C1' A3P E 4 10.75 -24.26 -1.95
N9 A3P E 4 10.90 -23.67 -3.28
C8 A3P E 4 9.94 -23.16 -4.10
N7 A3P E 4 10.39 -22.69 -5.24
C5 A3P E 4 11.76 -22.91 -5.15
C6 A3P E 4 12.82 -22.64 -6.03
N6 A3P E 4 12.68 -22.07 -7.22
N1 A3P E 4 14.06 -22.98 -5.63
C2 A3P E 4 14.23 -23.56 -4.44
N3 A3P E 4 13.31 -23.87 -3.52
C4 A3P E 4 12.08 -23.51 -3.95
#